data_2MM4
#
_entry.id   2MM4
#
_entity_poly.entity_id   1
_entity_poly.type   'polypeptide(L)'
_entity_poly.pdbx_seq_one_letter_code
;ETGTLIVNSVLLFLAFVVFLLVTLAILTALRLAAYAANIVNVSLVKPTVYVYSRVKNL
;
_entity_poly.pdbx_strand_id   A
#
# COMPACT_ATOMS: atom_id res chain seq x y z
N GLU A 1 -24.38 -19.18 13.32
CA GLU A 1 -25.34 -18.11 13.02
C GLU A 1 -26.26 -18.50 11.87
N THR A 2 -27.24 -17.65 11.60
CA THR A 2 -28.19 -17.91 10.52
C THR A 2 -27.87 -17.05 9.30
N GLY A 3 -26.60 -16.71 9.14
CA GLY A 3 -26.18 -15.89 8.01
C GLY A 3 -25.53 -14.59 8.43
N THR A 4 -25.00 -14.57 9.65
CA THR A 4 -24.36 -13.37 10.19
C THR A 4 -22.95 -13.22 9.63
N LEU A 5 -22.80 -12.34 8.64
CA LEU A 5 -21.51 -12.10 8.02
C LEU A 5 -20.91 -10.78 8.50
N ILE A 6 -21.55 -10.18 9.50
CA ILE A 6 -21.08 -8.91 10.05
C ILE A 6 -20.10 -9.15 11.19
N VAL A 7 -20.36 -10.19 11.98
CA VAL A 7 -19.49 -10.53 13.10
C VAL A 7 -18.17 -11.11 12.63
N ASN A 8 -18.20 -11.82 11.50
CA ASN A 8 -17.00 -12.41 10.94
C ASN A 8 -16.24 -11.42 10.06
N SER A 9 -16.97 -10.43 9.55
CA SER A 9 -16.37 -9.41 8.70
C SER A 9 -15.78 -8.28 9.53
N VAL A 10 -16.51 -7.88 10.56
CA VAL A 10 -16.07 -6.80 11.44
C VAL A 10 -14.86 -7.23 12.27
N LEU A 11 -14.80 -8.52 12.59
CA LEU A 11 -13.69 -9.05 13.37
C LEU A 11 -12.45 -9.24 12.51
N LEU A 12 -12.65 -9.71 11.28
CA LEU A 12 -11.55 -9.92 10.36
C LEU A 12 -11.02 -8.60 9.81
N PHE A 13 -11.94 -7.74 9.38
CA PHE A 13 -11.56 -6.44 8.84
C PHE A 13 -10.64 -5.70 9.80
N LEU A 14 -10.89 -5.83 11.09
CA LEU A 14 -10.09 -5.17 12.12
C LEU A 14 -8.65 -5.67 12.06
N ALA A 15 -8.47 -6.98 12.19
CA ALA A 15 -7.15 -7.58 12.15
C ALA A 15 -6.51 -7.43 10.78
N PHE A 16 -7.34 -7.19 9.77
CA PHE A 16 -6.85 -7.02 8.41
C PHE A 16 -6.19 -5.66 8.22
N VAL A 17 -6.89 -4.61 8.64
CA VAL A 17 -6.38 -3.25 8.52
C VAL A 17 -4.96 -3.15 9.07
N VAL A 18 -4.80 -3.51 10.34
CA VAL A 18 -3.50 -3.46 11.00
C VAL A 18 -2.44 -4.18 10.16
N PHE A 19 -2.83 -5.28 9.54
CA PHE A 19 -1.92 -6.06 8.71
C PHE A 19 -1.49 -5.26 7.48
N LEU A 20 -2.48 -4.66 6.81
CA LEU A 20 -2.20 -3.88 5.62
C LEU A 20 -1.43 -2.60 5.96
N LEU A 21 -1.69 -2.08 7.15
CA LEU A 21 -1.02 -0.86 7.60
C LEU A 21 0.49 -0.99 7.46
N VAL A 22 1.07 -1.97 8.16
CA VAL A 22 2.51 -2.20 8.11
C VAL A 22 2.91 -2.89 6.80
N THR A 23 2.17 -3.92 6.44
CA THR A 23 2.45 -4.67 5.22
C THR A 23 2.59 -3.74 4.02
N LEU A 24 1.91 -2.60 4.09
CA LEU A 24 1.96 -1.62 3.01
C LEU A 24 3.37 -1.07 2.84
N ALA A 25 3.82 -0.29 3.83
CA ALA A 25 5.15 0.29 3.80
C ALA A 25 6.17 -0.69 3.23
N ILE A 26 6.06 -1.94 3.65
CA ILE A 26 6.98 -2.98 3.18
C ILE A 26 7.14 -2.91 1.66
N LEU A 27 6.03 -2.91 0.94
CA LEU A 27 6.06 -2.84 -0.51
C LEU A 27 6.99 -1.73 -1.00
N THR A 28 7.16 -0.71 -0.16
CA THR A 28 8.03 0.42 -0.51
C THR A 28 9.46 -0.04 -0.71
N ALA A 29 9.94 -0.91 0.18
CA ALA A 29 11.30 -1.43 0.09
C ALA A 29 11.63 -1.87 -1.33
N LEU A 30 10.61 -2.35 -2.05
CA LEU A 30 10.80 -2.80 -3.43
C LEU A 30 10.98 -1.61 -4.37
N ARG A 31 10.13 -0.60 -4.22
CA ARG A 31 10.20 0.59 -5.05
C ARG A 31 11.61 1.16 -5.07
N LEU A 32 12.12 1.49 -3.89
CA LEU A 32 13.47 2.05 -3.77
C LEU A 32 14.48 1.20 -4.52
N ALA A 33 14.23 -0.11 -4.56
CA ALA A 33 15.12 -1.03 -5.24
C ALA A 33 15.24 -0.68 -6.72
N ALA A 34 14.17 -0.11 -7.28
CA ALA A 34 14.16 0.27 -8.69
C ALA A 34 15.18 1.36 -8.97
N TYR A 35 15.24 2.36 -8.10
CA TYR A 35 16.17 3.48 -8.25
C TYR A 35 17.61 2.98 -8.21
N ALA A 36 17.83 1.83 -7.57
CA ALA A 36 19.16 1.25 -7.47
C ALA A 36 19.77 1.02 -8.84
N ALA A 37 18.92 1.04 -9.87
CA ALA A 37 19.38 0.82 -11.24
C ALA A 37 20.01 2.09 -11.80
N ASN A 38 19.84 3.20 -11.10
CA ASN A 38 20.39 4.47 -11.52
C ASN A 38 21.62 4.85 -10.69
N ILE A 39 21.38 5.18 -9.43
CA ILE A 39 22.47 5.56 -8.53
C ILE A 39 22.48 4.67 -7.29
N VAL A 40 21.47 4.84 -6.44
CA VAL A 40 21.36 4.06 -5.22
C VAL A 40 19.97 3.43 -5.08
N ASN A 41 19.83 2.51 -4.13
CA ASN A 41 18.56 1.84 -3.90
C ASN A 41 17.65 2.69 -3.02
N VAL A 42 17.77 4.01 -3.16
CA VAL A 42 16.95 4.93 -2.38
C VAL A 42 15.97 5.69 -3.27
N SER A 43 14.76 5.91 -2.76
CA SER A 43 13.74 6.62 -3.51
C SER A 43 12.58 7.01 -2.60
N LEU A 44 11.60 7.72 -3.17
CA LEU A 44 10.43 8.15 -2.41
C LEU A 44 9.19 8.21 -3.30
N VAL A 45 8.09 8.68 -2.73
CA VAL A 45 6.84 8.79 -3.48
C VAL A 45 6.43 10.25 -3.65
N LYS A 46 7.18 11.15 -3.02
CA LYS A 46 6.90 12.58 -3.09
C LYS A 46 6.99 13.07 -4.53
N PRO A 47 8.13 12.78 -5.18
CA PRO A 47 8.37 13.19 -6.57
C PRO A 47 7.49 12.42 -7.56
N THR A 48 6.80 11.40 -7.06
CA THR A 48 5.93 10.60 -7.91
C THR A 48 4.53 11.18 -7.96
N VAL A 49 4.28 12.21 -7.16
CA VAL A 49 2.98 12.86 -7.12
C VAL A 49 2.55 13.31 -8.52
N TYR A 50 3.52 13.60 -9.36
CA TYR A 50 3.25 14.05 -10.72
C TYR A 50 2.27 13.10 -11.42
N VAL A 51 2.40 11.81 -11.11
CA VAL A 51 1.53 10.81 -11.71
C VAL A 51 0.17 10.76 -11.01
N TYR A 52 0.16 11.16 -9.74
CA TYR A 52 -1.07 11.16 -8.95
C TYR A 52 -2.19 11.87 -9.70
N SER A 53 -1.87 13.05 -10.26
CA SER A 53 -2.85 13.83 -11.00
C SER A 53 -3.08 13.24 -12.38
N ARG A 54 -2.01 12.79 -13.02
CA ARG A 54 -2.09 12.20 -14.35
C ARG A 54 -3.12 11.07 -14.39
N VAL A 55 -2.89 10.05 -13.57
CA VAL A 55 -3.80 8.90 -13.51
C VAL A 55 -5.23 9.36 -13.26
N LYS A 56 -5.39 10.39 -12.42
CA LYS A 56 -6.70 10.92 -12.10
C LYS A 56 -7.36 11.54 -13.32
N ASN A 57 -6.58 12.29 -14.09
CA ASN A 57 -7.09 12.95 -15.28
C ASN A 57 -7.55 11.91 -16.31
N LEU A 58 -6.92 10.75 -16.29
CA LEU A 58 -7.27 9.68 -17.22
C LEU A 58 -8.52 8.94 -16.76
N GLU A 1 -24.69 -19.16 13.04
CA GLU A 1 -25.41 -17.96 12.63
C GLU A 1 -26.40 -18.28 11.52
N THR A 2 -27.43 -17.46 11.39
CA THR A 2 -28.46 -17.65 10.37
C THR A 2 -28.18 -16.80 9.14
N GLY A 3 -26.91 -16.46 8.93
CA GLY A 3 -26.52 -15.65 7.80
C GLY A 3 -25.86 -14.35 8.20
N THR A 4 -25.37 -14.29 9.43
CA THR A 4 -24.72 -13.10 9.94
C THR A 4 -23.27 -13.02 9.47
N LEU A 5 -23.00 -12.14 8.51
CA LEU A 5 -21.66 -11.97 7.98
C LEU A 5 -21.03 -10.68 8.50
N ILE A 6 -21.64 -10.09 9.51
CA ILE A 6 -21.14 -8.85 10.10
C ILE A 6 -20.15 -9.14 11.23
N VAL A 7 -20.41 -10.21 11.97
CA VAL A 7 -19.54 -10.60 13.09
C VAL A 7 -18.23 -11.18 12.57
N ASN A 8 -18.30 -11.87 11.44
CA ASN A 8 -17.12 -12.49 10.84
C ASN A 8 -16.35 -11.48 9.99
N SER A 9 -17.06 -10.46 9.50
CA SER A 9 -16.45 -9.43 8.67
C SER A 9 -15.84 -8.33 9.53
N VAL A 10 -16.55 -7.95 10.59
CA VAL A 10 -16.06 -6.91 11.49
C VAL A 10 -14.85 -7.38 12.28
N LEU A 11 -14.78 -8.67 12.55
CA LEU A 11 -13.67 -9.25 13.30
C LEU A 11 -12.45 -9.43 12.39
N LEU A 12 -12.68 -9.91 11.17
CA LEU A 12 -11.60 -10.12 10.22
C LEU A 12 -11.07 -8.79 9.69
N PHE A 13 -11.99 -7.93 9.24
CA PHE A 13 -11.62 -6.62 8.71
C PHE A 13 -10.70 -5.89 9.68
N LEU A 14 -10.97 -6.04 10.97
CA LEU A 14 -10.16 -5.39 12.00
C LEU A 14 -8.72 -5.89 11.97
N ALA A 15 -8.55 -7.19 12.11
CA ALA A 15 -7.21 -7.79 12.08
C ALA A 15 -6.57 -7.64 10.70
N PHE A 16 -7.40 -7.40 9.69
CA PHE A 16 -6.90 -7.23 8.33
C PHE A 16 -6.26 -5.86 8.14
N VAL A 17 -6.98 -4.82 8.56
CA VAL A 17 -6.48 -3.45 8.44
C VAL A 17 -5.07 -3.34 8.99
N VAL A 18 -4.89 -3.69 10.25
CA VAL A 18 -3.58 -3.62 10.90
C VAL A 18 -2.52 -4.31 10.04
N PHE A 19 -2.88 -5.46 9.47
CA PHE A 19 -1.96 -6.22 8.64
C PHE A 19 -1.55 -5.41 7.42
N LEU A 20 -2.52 -4.81 6.76
CA LEU A 20 -2.25 -4.00 5.57
C LEU A 20 -1.50 -2.73 5.92
N LEU A 21 -1.81 -2.17 7.09
CA LEU A 21 -1.17 -0.95 7.55
C LEU A 21 0.35 -1.08 7.45
N VAL A 22 0.91 -2.05 8.15
CA VAL A 22 2.36 -2.27 8.14
C VAL A 22 2.80 -2.92 6.83
N THR A 23 2.09 -3.97 6.43
CA THR A 23 2.41 -4.69 5.20
C THR A 23 2.55 -3.72 4.03
N LEU A 24 1.86 -2.59 4.11
CA LEU A 24 1.91 -1.59 3.05
C LEU A 24 3.33 -1.02 2.92
N ALA A 25 3.76 -0.27 3.92
CA ALA A 25 5.09 0.33 3.91
C ALA A 25 6.12 -0.64 3.34
N ILE A 26 6.02 -1.90 3.74
CA ILE A 26 6.95 -2.93 3.27
C ILE A 26 7.14 -2.84 1.75
N LEU A 27 6.03 -2.81 1.03
CA LEU A 27 6.07 -2.73 -0.43
C LEU A 27 7.01 -1.62 -0.89
N THR A 28 7.17 -0.60 -0.05
CA THR A 28 8.03 0.53 -0.35
C THR A 28 9.48 0.07 -0.56
N ALA A 29 9.95 -0.81 0.32
CA ALA A 29 11.31 -1.32 0.23
C ALA A 29 11.64 -1.76 -1.19
N LEU A 30 10.62 -2.24 -1.91
CA LEU A 30 10.80 -2.69 -3.28
C LEU A 30 11.01 -1.50 -4.22
N ARG A 31 10.20 -0.47 -4.06
CA ARG A 31 10.30 0.72 -4.88
C ARG A 31 11.72 1.25 -4.91
N LEU A 32 12.27 1.54 -3.74
CA LEU A 32 13.63 2.06 -3.63
C LEU A 32 14.61 1.17 -4.40
N ALA A 33 14.29 -0.12 -4.48
CA ALA A 33 15.15 -1.06 -5.19
C ALA A 33 15.22 -0.72 -6.68
N ALA A 34 14.16 -0.12 -7.21
CA ALA A 34 14.11 0.26 -8.61
C ALA A 34 15.13 1.35 -8.92
N TYR A 35 15.22 2.34 -8.04
CA TYR A 35 16.16 3.44 -8.22
C TYR A 35 17.60 2.94 -8.13
N ALA A 36 17.78 1.78 -7.50
CA ALA A 36 19.11 1.20 -7.36
C ALA A 36 19.77 0.96 -8.72
N ALA A 37 18.96 1.00 -9.77
CA ALA A 37 19.47 0.79 -11.13
C ALA A 37 20.08 2.07 -11.68
N ASN A 38 19.88 3.18 -10.96
CA ASN A 38 20.40 4.47 -11.39
C ASN A 38 21.67 4.83 -10.61
N ILE A 39 21.51 5.08 -9.31
CA ILE A 39 22.64 5.44 -8.46
C ILE A 39 22.79 4.44 -7.31
N VAL A 40 21.82 4.46 -6.40
CA VAL A 40 21.84 3.57 -5.25
C VAL A 40 20.43 3.21 -4.80
N ASN A 41 20.33 2.49 -3.70
CA ASN A 41 19.02 2.08 -3.16
C ASN A 41 18.33 3.26 -2.49
N VAL A 42 18.09 4.31 -3.26
CA VAL A 42 17.42 5.51 -2.74
C VAL A 42 16.34 5.99 -3.70
N SER A 43 15.15 6.24 -3.16
CA SER A 43 14.03 6.71 -3.96
C SER A 43 13.09 7.58 -3.13
N LEU A 44 12.09 8.15 -3.78
CA LEU A 44 11.12 9.01 -3.12
C LEU A 44 9.78 8.99 -3.83
N VAL A 45 8.80 9.69 -3.27
CA VAL A 45 7.47 9.75 -3.85
C VAL A 45 7.11 11.17 -4.27
N LYS A 46 7.95 12.12 -3.87
CA LYS A 46 7.72 13.52 -4.19
C LYS A 46 7.63 13.72 -5.70
N PRO A 47 8.64 13.22 -6.44
CA PRO A 47 8.69 13.32 -7.89
C PRO A 47 7.64 12.46 -8.57
N THR A 48 6.99 11.59 -7.80
CA THR A 48 5.96 10.71 -8.32
C THR A 48 4.58 11.36 -8.23
N VAL A 49 4.54 12.57 -7.68
CA VAL A 49 3.29 13.30 -7.55
C VAL A 49 2.63 13.53 -8.90
N TYR A 50 3.45 13.80 -9.91
CA TYR A 50 2.96 14.05 -11.26
C TYR A 50 2.01 12.95 -11.69
N VAL A 51 2.23 11.75 -11.20
CA VAL A 51 1.38 10.60 -11.53
C VAL A 51 0.07 10.65 -10.77
N TYR A 52 0.11 11.14 -9.54
CA TYR A 52 -1.08 11.25 -8.71
C TYR A 52 -2.24 11.89 -9.48
N SER A 53 -1.95 12.99 -10.16
CA SER A 53 -2.96 13.70 -10.94
C SER A 53 -3.29 12.93 -12.21
N ARG A 54 -2.28 12.28 -12.78
CA ARG A 54 -2.46 11.51 -14.01
C ARG A 54 -3.48 10.40 -13.81
N VAL A 55 -3.19 9.50 -12.88
CA VAL A 55 -4.09 8.38 -12.59
C VAL A 55 -5.46 8.88 -12.15
N LYS A 56 -5.49 10.00 -11.44
CA LYS A 56 -6.73 10.58 -10.97
C LYS A 56 -7.56 11.10 -12.14
N ASN A 57 -6.92 11.83 -13.04
CA ASN A 57 -7.60 12.39 -14.20
C ASN A 57 -8.18 11.28 -15.07
N LEU A 58 -7.55 10.12 -15.03
CA LEU A 58 -8.00 8.97 -15.81
C LEU A 58 -8.92 8.07 -14.99
N GLU A 1 -24.30 -19.17 13.97
CA GLU A 1 -25.24 -18.12 13.61
C GLU A 1 -26.15 -18.59 12.48
N THR A 2 -27.15 -17.76 12.16
CA THR A 2 -28.11 -18.08 11.11
C THR A 2 -27.84 -17.26 9.85
N GLY A 3 -26.58 -16.88 9.65
CA GLY A 3 -26.22 -16.09 8.50
C GLY A 3 -25.60 -14.75 8.87
N THR A 4 -25.04 -14.68 10.06
CA THR A 4 -24.42 -13.45 10.55
C THR A 4 -23.03 -13.26 9.95
N LEU A 5 -22.95 -12.47 8.88
CA LEU A 5 -21.69 -12.21 8.21
C LEU A 5 -21.08 -10.89 8.69
N ILE A 6 -21.70 -10.28 9.69
CA ILE A 6 -21.24 -9.03 10.23
C ILE A 6 -20.24 -9.25 11.37
N VAL A 7 -20.45 -10.33 12.12
CA VAL A 7 -19.56 -10.66 13.23
C VAL A 7 -18.24 -11.22 12.73
N ASN A 8 -18.29 -11.94 11.61
CA ASN A 8 -17.09 -12.53 11.03
C ASN A 8 -16.37 -11.53 10.14
N SER A 9 -17.11 -10.54 9.64
CA SER A 9 -16.54 -9.52 8.77
C SER A 9 -15.94 -8.38 9.60
N VAL A 10 -16.64 -8.00 10.67
CA VAL A 10 -16.17 -6.93 11.53
C VAL A 10 -14.93 -7.33 12.31
N LEU A 11 -14.84 -8.63 12.63
CA LEU A 11 -13.70 -9.15 13.37
C LEU A 11 -12.49 -9.32 12.45
N LEU A 12 -12.73 -9.88 11.26
CA LEU A 12 -11.66 -10.10 10.30
C LEU A 12 -11.15 -8.78 9.74
N PHE A 13 -12.08 -7.92 9.31
CA PHE A 13 -11.71 -6.62 8.75
C PHE A 13 -10.78 -5.87 9.69
N LEU A 14 -11.02 -6.00 10.99
CA LEU A 14 -10.20 -5.33 11.99
C LEU A 14 -8.76 -5.83 11.94
N ALA A 15 -8.59 -7.14 12.10
CA ALA A 15 -7.26 -7.75 12.05
C ALA A 15 -6.63 -7.60 10.68
N PHE A 16 -7.46 -7.37 9.67
CA PHE A 16 -6.99 -7.20 8.30
C PHE A 16 -6.36 -5.83 8.10
N VAL A 17 -7.06 -4.79 8.53
CA VAL A 17 -6.58 -3.43 8.41
C VAL A 17 -5.15 -3.30 8.92
N VAL A 18 -4.95 -3.64 10.18
CA VAL A 18 -3.63 -3.57 10.80
C VAL A 18 -2.58 -4.26 9.93
N PHE A 19 -2.95 -5.40 9.36
CA PHE A 19 -2.04 -6.16 8.50
C PHE A 19 -1.64 -5.35 7.28
N LEU A 20 -2.64 -4.75 6.62
CA LEU A 20 -2.39 -3.94 5.44
C LEU A 20 -1.62 -2.67 5.79
N LEU A 21 -1.95 -2.09 6.94
CA LEU A 21 -1.29 -0.87 7.40
C LEU A 21 0.23 -0.97 7.24
N VAL A 22 0.81 -2.00 7.86
CA VAL A 22 2.24 -2.22 7.79
C VAL A 22 2.63 -2.90 6.48
N THR A 23 1.90 -3.95 6.13
CA THR A 23 2.16 -4.68 4.89
C THR A 23 2.35 -3.75 3.71
N LEU A 24 1.68 -2.60 3.77
CA LEU A 24 1.77 -1.61 2.71
C LEU A 24 3.19 -1.06 2.59
N ALA A 25 3.60 -0.30 3.61
CA ALA A 25 4.93 0.28 3.63
C ALA A 25 5.97 -0.69 3.07
N ILE A 26 5.86 -1.95 3.46
CA ILE A 26 6.78 -2.99 3.00
C ILE A 26 7.00 -2.89 1.50
N LEU A 27 5.91 -2.86 0.75
CA LEU A 27 5.98 -2.77 -0.71
C LEU A 27 6.92 -1.66 -1.14
N THR A 28 7.05 -0.64 -0.30
CA THR A 28 7.92 0.49 -0.59
C THR A 28 9.37 0.03 -0.78
N ALA A 29 9.82 -0.85 0.11
CA ALA A 29 11.18 -1.37 0.03
C ALA A 29 11.54 -1.78 -1.39
N LEU A 30 10.54 -2.24 -2.14
CA LEU A 30 10.76 -2.67 -3.52
C LEU A 30 10.98 -1.47 -4.43
N ARG A 31 10.15 -0.44 -4.26
CA ARG A 31 10.26 0.78 -5.07
C ARG A 31 11.69 1.30 -5.06
N LEU A 32 12.22 1.58 -3.88
CA LEU A 32 13.57 2.08 -3.74
C LEU A 32 14.57 1.22 -4.53
N ALA A 33 14.27 -0.06 -4.62
CA ALA A 33 15.13 -0.99 -5.35
C ALA A 33 15.23 -0.61 -6.82
N ALA A 34 14.15 -0.01 -7.34
CA ALA A 34 14.12 0.41 -8.74
C ALA A 34 15.18 1.47 -9.03
N TYR A 35 15.29 2.44 -8.13
CA TYR A 35 16.26 3.51 -8.29
C TYR A 35 17.68 2.98 -8.16
N ALA A 36 17.83 1.80 -7.57
CA ALA A 36 19.13 1.18 -7.39
C ALA A 36 19.83 0.98 -8.74
N ALA A 37 19.06 1.07 -9.82
CA ALA A 37 19.61 0.90 -11.16
C ALA A 37 20.28 2.19 -11.65
N ASN A 38 20.08 3.27 -10.90
CA ASN A 38 20.66 4.56 -11.26
C ASN A 38 21.88 4.87 -10.39
N ILE A 39 21.63 5.11 -9.09
CA ILE A 39 22.71 5.41 -8.16
C ILE A 39 22.73 4.41 -7.01
N VAL A 40 21.70 4.49 -6.16
CA VAL A 40 21.59 3.59 -5.01
C VAL A 40 20.14 3.16 -4.79
N ASN A 41 19.94 2.29 -3.80
CA ASN A 41 18.61 1.80 -3.49
C ASN A 41 17.82 2.83 -2.67
N VAL A 42 17.78 4.06 -3.17
CA VAL A 42 17.07 5.13 -2.49
C VAL A 42 16.04 5.78 -3.41
N SER A 43 14.87 6.09 -2.85
CA SER A 43 13.81 6.72 -3.63
C SER A 43 12.71 7.25 -2.70
N LEU A 44 11.73 7.92 -3.29
CA LEU A 44 10.62 8.48 -2.53
C LEU A 44 9.35 8.55 -3.37
N VAL A 45 8.29 9.08 -2.78
CA VAL A 45 7.01 9.21 -3.49
C VAL A 45 6.67 10.67 -3.74
N LYS A 46 7.47 11.56 -3.18
CA LYS A 46 7.26 13.00 -3.34
C LYS A 46 7.32 13.39 -4.82
N PRO A 47 8.42 13.02 -5.48
CA PRO A 47 8.63 13.31 -6.90
C PRO A 47 7.69 12.52 -7.81
N THR A 48 6.98 11.57 -7.22
CA THR A 48 6.05 10.73 -7.97
C THR A 48 4.66 11.36 -8.01
N VAL A 49 4.50 12.46 -7.29
CA VAL A 49 3.22 13.16 -7.25
C VAL A 49 2.75 13.54 -8.66
N TYR A 50 3.71 13.77 -9.55
CA TYR A 50 3.39 14.13 -10.92
C TYR A 50 2.40 13.15 -11.54
N VAL A 51 2.52 11.89 -11.17
CA VAL A 51 1.64 10.85 -11.68
C VAL A 51 0.29 10.88 -10.96
N TYR A 52 0.29 11.37 -9.73
CA TYR A 52 -0.94 11.45 -8.94
C TYR A 52 -2.05 12.12 -9.74
N SER A 53 -1.74 13.25 -10.35
CA SER A 53 -2.71 13.99 -11.14
C SER A 53 -2.96 13.31 -12.48
N ARG A 54 -1.89 12.76 -13.06
CA ARG A 54 -2.00 12.07 -14.35
C ARG A 54 -3.05 10.97 -14.29
N VAL A 55 -2.85 10.00 -13.41
CA VAL A 55 -3.79 8.89 -13.25
C VAL A 55 -5.22 9.40 -13.04
N LYS A 56 -5.34 10.49 -12.29
CA LYS A 56 -6.63 11.08 -12.00
C LYS A 56 -7.27 11.64 -13.27
N ASN A 57 -6.46 12.33 -14.07
CA ASN A 57 -6.96 12.92 -15.32
C ASN A 57 -7.37 11.83 -16.30
N LEU A 58 -6.79 10.65 -16.15
CA LEU A 58 -7.11 9.52 -17.03
C LEU A 58 -8.15 8.61 -16.39
N GLU A 1 -27.11 -18.60 14.92
CA GLU A 1 -27.48 -17.64 13.89
C GLU A 1 -27.86 -18.35 12.59
N THR A 2 -28.45 -17.61 11.66
CA THR A 2 -28.87 -18.16 10.39
C THR A 2 -28.47 -17.25 9.23
N GLY A 3 -27.19 -16.95 9.12
CA GLY A 3 -26.71 -16.09 8.07
C GLY A 3 -26.02 -14.84 8.60
N THR A 4 -25.33 -14.98 9.72
CA THR A 4 -24.63 -13.87 10.34
C THR A 4 -23.16 -13.85 9.94
N LEU A 5 -22.81 -12.96 9.01
CA LEU A 5 -21.44 -12.84 8.54
C LEU A 5 -20.81 -11.53 9.00
N ILE A 6 -21.44 -10.89 9.98
CA ILE A 6 -20.95 -9.63 10.51
C ILE A 6 -19.95 -9.86 11.64
N VAL A 7 -20.02 -11.04 12.26
CA VAL A 7 -19.13 -11.39 13.35
C VAL A 7 -17.73 -11.74 12.82
N ASN A 8 -17.70 -12.43 11.69
CA ASN A 8 -16.43 -12.83 11.08
C ASN A 8 -15.90 -11.75 10.15
N SER A 9 -16.79 -10.82 9.78
CA SER A 9 -16.41 -9.72 8.88
C SER A 9 -15.81 -8.56 9.67
N VAL A 10 -16.48 -8.18 10.76
CA VAL A 10 -16.02 -7.09 11.60
C VAL A 10 -14.78 -7.49 12.39
N LEU A 11 -14.69 -8.78 12.72
CA LEU A 11 -13.55 -9.29 13.49
C LEU A 11 -12.31 -9.38 12.61
N LEU A 12 -12.49 -9.77 11.36
CA LEU A 12 -11.38 -9.90 10.42
C LEU A 12 -10.95 -8.53 9.91
N PHE A 13 -11.92 -7.69 9.60
CA PHE A 13 -11.64 -6.35 9.10
C PHE A 13 -10.68 -5.61 10.03
N LEU A 14 -10.85 -5.84 11.32
CA LEU A 14 -10.00 -5.19 12.33
C LEU A 14 -8.56 -5.69 12.23
N ALA A 15 -8.38 -7.00 12.34
CA ALA A 15 -7.05 -7.59 12.25
C ALA A 15 -6.45 -7.39 10.87
N PHE A 16 -7.30 -7.09 9.89
CA PHE A 16 -6.84 -6.87 8.52
C PHE A 16 -6.22 -5.48 8.37
N VAL A 17 -6.97 -4.46 8.79
CA VAL A 17 -6.50 -3.09 8.71
C VAL A 17 -5.10 -2.94 9.28
N VAL A 18 -4.95 -3.32 10.54
CA VAL A 18 -3.65 -3.23 11.22
C VAL A 18 -2.55 -3.87 10.37
N PHE A 19 -2.84 -5.04 9.82
CA PHE A 19 -1.88 -5.76 8.99
C PHE A 19 -1.59 -4.99 7.70
N LEU A 20 -2.65 -4.46 7.08
CA LEU A 20 -2.50 -3.70 5.85
C LEU A 20 -1.69 -2.43 6.09
N LEU A 21 -1.89 -1.81 7.25
CA LEU A 21 -1.17 -0.58 7.59
C LEU A 21 0.33 -0.74 7.36
N VAL A 22 0.94 -1.65 8.11
CA VAL A 22 2.37 -1.91 7.98
C VAL A 22 2.69 -2.62 6.67
N THR A 23 1.92 -3.66 6.37
CA THR A 23 2.12 -4.44 5.15
C THR A 23 2.29 -3.51 3.94
N LEU A 24 1.64 -2.35 3.99
CA LEU A 24 1.72 -1.40 2.90
C LEU A 24 3.14 -0.87 2.74
N ALA A 25 3.60 -0.12 3.73
CA ALA A 25 4.94 0.44 3.69
C ALA A 25 5.95 -0.57 3.13
N ILE A 26 5.82 -1.82 3.56
CA ILE A 26 6.72 -2.88 3.10
C ILE A 26 6.90 -2.82 1.58
N LEU A 27 5.78 -2.80 0.86
CA LEU A 27 5.81 -2.75 -0.59
C LEU A 27 6.76 -1.66 -1.08
N THR A 28 6.94 -0.63 -0.27
CA THR A 28 7.83 0.47 -0.61
C THR A 28 9.26 -0.01 -0.81
N ALA A 29 9.71 -0.89 0.08
CA ALA A 29 11.05 -1.44 0.00
C ALA A 29 11.38 -1.88 -1.43
N LEU A 30 10.38 -2.35 -2.14
CA LEU A 30 10.56 -2.81 -3.52
C LEU A 30 10.77 -1.62 -4.45
N ARG A 31 9.96 -0.59 -4.29
CA ARG A 31 10.07 0.61 -5.11
C ARG A 31 11.51 1.12 -5.15
N LEU A 32 12.05 1.43 -3.97
CA LEU A 32 13.41 1.93 -3.86
C LEU A 32 14.38 1.06 -4.65
N ALA A 33 14.09 -0.24 -4.70
CA ALA A 33 14.93 -1.18 -5.43
C ALA A 33 15.06 -0.78 -6.90
N ALA A 34 14.00 -0.20 -7.45
CA ALA A 34 14.01 0.23 -8.85
C ALA A 34 15.06 1.31 -9.08
N TYR A 35 15.15 2.26 -8.15
CA TYR A 35 16.11 3.35 -8.26
C TYR A 35 17.54 2.82 -8.17
N ALA A 36 17.69 1.63 -7.62
CA ALA A 36 19.00 1.01 -7.47
C ALA A 36 19.69 0.86 -8.83
N ALA A 37 18.90 0.95 -9.89
CA ALA A 37 19.43 0.82 -11.25
C ALA A 37 20.11 2.11 -11.69
N ASN A 38 19.96 3.16 -10.90
CA ASN A 38 20.55 4.45 -11.21
C ASN A 38 21.77 4.72 -10.34
N ILE A 39 21.54 4.91 -9.05
CA ILE A 39 22.62 5.17 -8.10
C ILE A 39 22.64 4.12 -6.99
N VAL A 40 21.63 4.15 -6.14
CA VAL A 40 21.53 3.19 -5.03
C VAL A 40 20.08 2.82 -4.75
N ASN A 41 19.88 1.93 -3.79
CA ASN A 41 18.54 1.49 -3.43
C ASN A 41 17.81 2.56 -2.62
N VAL A 42 17.68 3.75 -3.21
CA VAL A 42 17.01 4.85 -2.54
C VAL A 42 16.01 5.53 -3.47
N SER A 43 14.84 5.87 -2.94
CA SER A 43 13.79 6.51 -3.72
C SER A 43 12.70 7.07 -2.81
N LEU A 44 11.73 7.75 -3.42
CA LEU A 44 10.64 8.34 -2.67
C LEU A 44 9.37 8.40 -3.51
N VAL A 45 8.32 9.01 -2.96
CA VAL A 45 7.04 9.14 -3.67
C VAL A 45 6.68 10.61 -3.86
N LYS A 46 7.41 11.49 -3.22
CA LYS A 46 7.17 12.92 -3.31
C LYS A 46 7.23 13.39 -4.76
N PRO A 47 8.34 13.05 -5.44
CA PRO A 47 8.55 13.42 -6.84
C PRO A 47 7.62 12.67 -7.79
N THR A 48 6.93 11.67 -7.26
CA THR A 48 6.00 10.87 -8.05
C THR A 48 4.60 11.47 -8.04
N VAL A 49 4.44 12.56 -7.29
CA VAL A 49 3.15 13.22 -7.19
C VAL A 49 2.65 13.66 -8.56
N TYR A 50 3.58 14.07 -9.42
CA TYR A 50 3.24 14.52 -10.77
C TYR A 50 2.35 13.50 -11.47
N VAL A 51 2.53 12.23 -11.13
CA VAL A 51 1.74 11.16 -11.72
C VAL A 51 0.34 11.11 -11.11
N TYR A 52 0.25 11.41 -9.83
CA TYR A 52 -1.04 11.39 -9.12
C TYR A 52 -2.11 12.12 -9.93
N SER A 53 -1.76 13.29 -10.44
CA SER A 53 -2.69 14.09 -11.22
C SER A 53 -2.88 13.49 -12.62
N ARG A 54 -1.79 12.99 -13.19
CA ARG A 54 -1.83 12.38 -14.51
C ARG A 54 -2.91 11.30 -14.58
N VAL A 55 -2.75 10.27 -13.75
CA VAL A 55 -3.71 9.17 -13.72
C VAL A 55 -5.14 9.68 -13.55
N LYS A 56 -5.30 10.71 -12.72
CA LYS A 56 -6.61 11.29 -12.47
C LYS A 56 -7.17 11.93 -13.74
N ASN A 57 -6.31 12.60 -14.50
CA ASN A 57 -6.72 13.24 -15.74
C ASN A 57 -7.08 12.20 -16.80
N LEU A 58 -6.49 11.02 -16.69
CA LEU A 58 -6.76 9.94 -17.64
C LEU A 58 -7.86 9.03 -17.13
N GLU A 1 -26.76 -17.42 14.86
CA GLU A 1 -26.32 -16.62 13.73
C GLU A 1 -27.30 -16.72 12.57
N THR A 2 -27.54 -17.95 12.11
CA THR A 2 -28.46 -18.18 11.00
C THR A 2 -28.05 -17.39 9.76
N GLY A 3 -26.76 -17.11 9.65
CA GLY A 3 -26.26 -16.35 8.51
C GLY A 3 -25.62 -15.04 8.92
N THR A 4 -24.84 -15.07 9.99
CA THR A 4 -24.16 -13.88 10.48
C THR A 4 -22.79 -13.72 9.84
N LEU A 5 -22.70 -12.85 8.84
CA LEU A 5 -21.43 -12.60 8.16
C LEU A 5 -20.79 -11.31 8.64
N ILE A 6 -21.34 -10.75 9.71
CA ILE A 6 -20.81 -9.51 10.28
C ILE A 6 -19.76 -9.79 11.35
N VAL A 7 -19.94 -10.91 12.06
CA VAL A 7 -19.00 -11.29 13.11
C VAL A 7 -17.67 -11.75 12.51
N ASN A 8 -17.73 -12.33 11.32
CA ASN A 8 -16.53 -12.81 10.64
C ASN A 8 -15.94 -11.73 9.75
N SER A 9 -16.78 -10.77 9.35
CA SER A 9 -16.33 -9.68 8.50
C SER A 9 -15.77 -8.54 9.33
N VAL A 10 -16.53 -8.10 10.31
CA VAL A 10 -16.11 -7.01 11.19
C VAL A 10 -14.87 -7.40 12.00
N LEU A 11 -14.86 -8.64 12.47
CA LEU A 11 -13.73 -9.14 13.25
C LEU A 11 -12.47 -9.24 12.40
N LEU A 12 -12.63 -9.70 11.17
CA LEU A 12 -11.50 -9.84 10.25
C LEU A 12 -11.04 -8.47 9.75
N PHE A 13 -11.99 -7.60 9.46
CA PHE A 13 -11.69 -6.26 8.97
C PHE A 13 -10.77 -5.53 9.95
N LEU A 14 -10.82 -5.92 11.22
CA LEU A 14 -10.00 -5.29 12.25
C LEU A 14 -8.56 -5.82 12.18
N ALA A 15 -8.43 -7.13 12.07
CA ALA A 15 -7.11 -7.75 11.99
C ALA A 15 -6.48 -7.56 10.61
N PHE A 16 -7.32 -7.23 9.63
CA PHE A 16 -6.85 -7.02 8.26
C PHE A 16 -6.28 -5.62 8.10
N VAL A 17 -7.09 -4.61 8.43
CA VAL A 17 -6.67 -3.22 8.31
C VAL A 17 -5.31 -3.00 8.96
N VAL A 18 -5.13 -3.56 10.15
CA VAL A 18 -3.87 -3.43 10.88
C VAL A 18 -2.73 -4.05 10.09
N PHE A 19 -2.97 -5.21 9.50
CA PHE A 19 -1.95 -5.91 8.72
C PHE A 19 -1.57 -5.10 7.49
N LEU A 20 -2.56 -4.44 6.89
CA LEU A 20 -2.32 -3.63 5.70
C LEU A 20 -1.54 -2.37 6.04
N LEU A 21 -1.78 -1.83 7.22
CA LEU A 21 -1.10 -0.62 7.67
C LEU A 21 0.42 -0.77 7.55
N VAL A 22 0.94 -1.87 8.09
CA VAL A 22 2.37 -2.14 8.04
C VAL A 22 2.75 -2.81 6.73
N THR A 23 2.07 -3.90 6.41
CA THR A 23 2.34 -4.64 5.18
C THR A 23 2.48 -3.70 3.99
N LEU A 24 1.76 -2.57 4.04
CA LEU A 24 1.81 -1.59 2.97
C LEU A 24 3.22 -1.03 2.79
N ALA A 25 3.67 -0.26 3.78
CA ALA A 25 5.00 0.33 3.74
C ALA A 25 6.02 -0.66 3.18
N ILE A 26 5.93 -1.90 3.61
CA ILE A 26 6.84 -2.95 3.16
C ILE A 26 7.02 -2.89 1.64
N LEU A 27 5.91 -2.88 0.92
CA LEU A 27 5.95 -2.83 -0.54
C LEU A 27 6.88 -1.72 -1.03
N THR A 28 7.03 -0.68 -0.21
CA THR A 28 7.90 0.43 -0.55
C THR A 28 9.34 -0.03 -0.75
N ALA A 29 9.80 -0.91 0.13
CA ALA A 29 11.16 -1.44 0.04
C ALA A 29 11.50 -1.86 -1.38
N LEU A 30 10.50 -2.34 -2.11
CA LEU A 30 10.69 -2.78 -3.48
C LEU A 30 10.87 -1.58 -4.41
N ARG A 31 10.05 -0.56 -4.22
CA ARG A 31 10.13 0.65 -5.04
C ARG A 31 11.55 1.17 -5.09
N LEU A 32 12.11 1.49 -3.92
CA LEU A 32 13.46 2.02 -3.84
C LEU A 32 14.44 1.15 -4.63
N ALA A 33 14.16 -0.14 -4.68
CA ALA A 33 15.00 -1.09 -5.41
C ALA A 33 15.12 -0.68 -6.88
N ALA A 34 14.04 -0.11 -7.42
CA ALA A 34 14.03 0.32 -8.81
C ALA A 34 15.06 1.41 -9.07
N TYR A 35 15.17 2.34 -8.13
CA TYR A 35 16.11 3.44 -8.25
C TYR A 35 17.55 2.93 -8.19
N ALA A 36 17.73 1.73 -7.65
CA ALA A 36 19.04 1.12 -7.52
C ALA A 36 19.72 1.00 -8.88
N ALA A 37 18.92 1.10 -9.94
CA ALA A 37 19.45 1.00 -11.30
C ALA A 37 20.11 2.31 -11.73
N ASN A 38 19.93 3.35 -10.92
CA ASN A 38 20.51 4.66 -11.22
C ASN A 38 21.72 4.92 -10.34
N ILE A 39 21.49 5.09 -9.04
CA ILE A 39 22.56 5.35 -8.09
C ILE A 39 22.61 4.28 -7.01
N VAL A 40 21.59 4.25 -6.16
CA VAL A 40 21.52 3.27 -5.08
C VAL A 40 20.07 2.91 -4.77
N ASN A 41 19.88 2.07 -3.76
CA ASN A 41 18.55 1.64 -3.35
C ASN A 41 17.85 2.73 -2.57
N VAL A 42 17.74 3.92 -3.16
CA VAL A 42 17.08 5.04 -2.51
C VAL A 42 16.06 5.69 -3.44
N SER A 43 14.87 5.98 -2.90
CA SER A 43 13.81 6.59 -3.68
C SER A 43 12.71 7.12 -2.76
N LEU A 44 11.71 7.76 -3.36
CA LEU A 44 10.59 8.32 -2.60
C LEU A 44 9.33 8.39 -3.47
N VAL A 45 8.25 8.88 -2.87
CA VAL A 45 6.98 9.01 -3.59
C VAL A 45 6.60 10.48 -3.77
N LYS A 46 7.36 11.36 -3.14
CA LYS A 46 7.10 12.80 -3.23
C LYS A 46 7.17 13.27 -4.68
N PRO A 47 8.27 12.94 -5.36
CA PRO A 47 8.48 13.32 -6.77
C PRO A 47 7.55 12.57 -7.72
N THR A 48 6.85 11.57 -7.18
CA THR A 48 5.93 10.78 -7.99
C THR A 48 4.53 11.38 -7.97
N VAL A 49 4.37 12.47 -7.21
CA VAL A 49 3.08 13.14 -7.11
C VAL A 49 2.58 13.58 -8.48
N TYR A 50 3.51 13.98 -9.34
CA TYR A 50 3.17 14.43 -10.69
C TYR A 50 2.27 13.42 -11.38
N VAL A 51 2.44 12.14 -11.04
CA VAL A 51 1.65 11.08 -11.63
C VAL A 51 0.27 11.01 -10.99
N TYR A 52 0.20 11.32 -9.70
CA TYR A 52 -1.07 11.28 -8.98
C TYR A 52 -2.17 11.99 -9.77
N SER A 53 -1.85 13.18 -10.28
CA SER A 53 -2.82 13.95 -11.06
C SER A 53 -3.00 13.37 -12.45
N ARG A 54 -1.90 12.88 -13.02
CA ARG A 54 -1.94 12.28 -14.36
C ARG A 54 -2.96 11.16 -14.42
N VAL A 55 -2.76 10.13 -13.61
CA VAL A 55 -3.66 8.99 -13.58
C VAL A 55 -5.11 9.44 -13.38
N LYS A 56 -5.30 10.47 -12.56
CA LYS A 56 -6.63 10.99 -12.30
C LYS A 56 -7.21 11.67 -13.53
N ASN A 57 -6.35 12.36 -14.28
CA ASN A 57 -6.78 13.04 -15.49
C ASN A 57 -7.24 12.05 -16.54
N LEU A 58 -6.64 10.87 -16.53
CA LEU A 58 -6.99 9.82 -17.49
C LEU A 58 -8.38 9.26 -17.20
N GLU A 1 -23.80 -19.43 12.87
CA GLU A 1 -24.75 -18.37 12.56
C GLU A 1 -25.66 -18.79 11.40
N THR A 2 -26.67 -17.96 11.12
CA THR A 2 -27.61 -18.24 10.05
C THR A 2 -27.33 -17.37 8.83
N GLY A 3 -26.07 -16.97 8.67
CA GLY A 3 -25.70 -16.13 7.54
C GLY A 3 -25.11 -14.81 7.99
N THR A 4 -24.65 -14.74 9.23
CA THR A 4 -24.07 -13.52 9.77
C THR A 4 -22.67 -13.30 9.21
N LEU A 5 -22.57 -12.44 8.20
CA LEU A 5 -21.28 -12.13 7.58
C LEU A 5 -20.73 -10.80 8.10
N ILE A 6 -21.42 -10.22 9.07
CA ILE A 6 -20.99 -8.96 9.66
C ILE A 6 -20.05 -9.18 10.83
N VAL A 7 -20.31 -10.24 11.60
CA VAL A 7 -19.48 -10.56 12.75
C VAL A 7 -18.12 -11.11 12.31
N ASN A 8 -18.11 -11.81 11.19
CA ASN A 8 -16.87 -12.39 10.66
C ASN A 8 -16.11 -11.38 9.82
N SER A 9 -16.83 -10.40 9.29
CA SER A 9 -16.22 -9.36 8.46
C SER A 9 -15.69 -8.22 9.32
N VAL A 10 -16.48 -7.82 10.31
CA VAL A 10 -16.07 -6.73 11.20
C VAL A 10 -14.89 -7.15 12.07
N LEU A 11 -14.83 -8.43 12.40
CA LEU A 11 -13.74 -8.95 13.22
C LEU A 11 -12.45 -9.08 12.41
N LEU A 12 -12.58 -9.51 11.17
CA LEU A 12 -11.43 -9.68 10.29
C LEU A 12 -10.93 -8.33 9.79
N PHE A 13 -11.87 -7.46 9.41
CA PHE A 13 -11.52 -6.14 8.91
C PHE A 13 -10.61 -5.41 9.89
N LEU A 14 -10.87 -5.60 11.18
CA LEU A 14 -10.07 -4.96 12.22
C LEU A 14 -8.62 -5.46 12.19
N ALA A 15 -8.46 -6.77 12.32
CA ALA A 15 -7.14 -7.37 12.31
C ALA A 15 -6.47 -7.19 10.95
N PHE A 16 -7.27 -6.91 9.93
CA PHE A 16 -6.76 -6.71 8.57
C PHE A 16 -6.13 -5.33 8.43
N VAL A 17 -6.87 -4.31 8.82
CA VAL A 17 -6.38 -2.93 8.74
C VAL A 17 -5.00 -2.80 9.35
N VAL A 18 -4.88 -3.16 10.63
CA VAL A 18 -3.60 -3.09 11.33
C VAL A 18 -2.50 -3.76 10.53
N PHE A 19 -2.80 -4.91 9.95
CA PHE A 19 -1.83 -5.66 9.16
C PHE A 19 -1.48 -4.90 7.89
N LEU A 20 -2.49 -4.35 7.23
CA LEU A 20 -2.29 -3.60 5.99
C LEU A 20 -1.49 -2.32 6.27
N LEU A 21 -1.70 -1.74 7.43
CA LEU A 21 -1.00 -0.51 7.81
C LEU A 21 0.50 -0.67 7.63
N VAL A 22 1.08 -1.61 8.37
CA VAL A 22 2.51 -1.86 8.29
C VAL A 22 2.88 -2.59 6.99
N THR A 23 2.13 -3.64 6.69
CA THR A 23 2.38 -4.43 5.48
C THR A 23 2.50 -3.53 4.26
N LEU A 24 1.82 -2.39 4.29
CA LEU A 24 1.86 -1.44 3.19
C LEU A 24 3.28 -0.91 2.98
N ALA A 25 3.76 -0.12 3.93
CA ALA A 25 5.10 0.43 3.85
C ALA A 25 6.09 -0.58 3.29
N ILE A 26 5.98 -1.82 3.74
CA ILE A 26 6.86 -2.88 3.28
C ILE A 26 7.02 -2.85 1.77
N LEU A 27 5.89 -2.84 1.06
CA LEU A 27 5.90 -2.80 -0.41
C LEU A 27 6.85 -1.72 -0.91
N THR A 28 7.03 -0.68 -0.11
CA THR A 28 7.92 0.42 -0.48
C THR A 28 9.34 -0.06 -0.70
N ALA A 29 9.81 -0.93 0.20
CA ALA A 29 11.15 -1.47 0.11
C ALA A 29 11.47 -1.93 -1.31
N LEU A 30 10.45 -2.42 -2.02
CA LEU A 30 10.61 -2.89 -3.38
C LEU A 30 10.82 -1.72 -4.34
N ARG A 31 10.01 -0.68 -4.18
CA ARG A 31 10.10 0.50 -5.02
C ARG A 31 11.53 1.03 -5.09
N LEU A 32 12.08 1.34 -3.92
CA LEU A 32 13.45 1.84 -3.84
C LEU A 32 14.41 0.97 -4.63
N ALA A 33 14.12 -0.33 -4.65
CA ALA A 33 14.96 -1.28 -5.39
C ALA A 33 15.07 -0.91 -6.85
N ALA A 34 14.00 -0.33 -7.40
CA ALA A 34 13.97 0.07 -8.80
C ALA A 34 15.02 1.14 -9.07
N TYR A 35 15.13 2.11 -8.16
CA TYR A 35 16.09 3.19 -8.31
C TYR A 35 17.52 2.66 -8.23
N ALA A 36 17.68 1.48 -7.66
CA ALA A 36 18.99 0.86 -7.53
C ALA A 36 19.67 0.70 -8.88
N ALA A 37 18.87 0.79 -9.95
CA ALA A 37 19.40 0.66 -11.30
C ALA A 37 20.06 1.95 -11.76
N ASN A 38 19.89 3.01 -10.99
CA ASN A 38 20.46 4.30 -11.31
C ASN A 38 21.68 4.59 -10.45
N ILE A 39 21.46 4.79 -9.15
CA ILE A 39 22.54 5.07 -8.22
C ILE A 39 22.61 4.02 -7.13
N VAL A 40 21.60 4.01 -6.27
CA VAL A 40 21.54 3.05 -5.17
C VAL A 40 20.10 2.69 -4.82
N ASN A 41 19.93 1.86 -3.80
CA ASN A 41 18.60 1.44 -3.36
C ASN A 41 17.91 2.56 -2.59
N VAL A 42 17.77 3.72 -3.22
CA VAL A 42 17.12 4.87 -2.59
C VAL A 42 16.11 5.50 -3.54
N SER A 43 14.94 5.83 -3.00
CA SER A 43 13.89 6.45 -3.80
C SER A 43 12.80 7.03 -2.89
N LEU A 44 11.82 7.69 -3.51
CA LEU A 44 10.72 8.31 -2.77
C LEU A 44 9.46 8.36 -3.61
N VAL A 45 8.38 8.87 -3.03
CA VAL A 45 7.11 8.99 -3.72
C VAL A 45 6.72 10.45 -3.93
N LYS A 46 7.53 11.35 -3.40
CA LYS A 46 7.28 12.78 -3.53
C LYS A 46 7.26 13.20 -5.00
N PRO A 47 8.31 12.83 -5.74
CA PRO A 47 8.43 13.14 -7.16
C PRO A 47 7.43 12.37 -8.02
N THR A 48 6.74 11.42 -7.40
CA THR A 48 5.77 10.60 -8.10
C THR A 48 4.38 11.23 -8.02
N VAL A 49 4.27 12.35 -7.32
CA VAL A 49 3.00 13.05 -7.17
C VAL A 49 2.43 13.44 -8.53
N TYR A 50 3.31 13.84 -9.45
CA TYR A 50 2.89 14.24 -10.78
C TYR A 50 1.98 13.19 -11.41
N VAL A 51 2.21 11.93 -11.06
CA VAL A 51 1.41 10.83 -11.58
C VAL A 51 0.02 10.81 -10.94
N TYR A 52 -0.04 11.14 -9.66
CA TYR A 52 -1.31 11.17 -8.93
C TYR A 52 -2.37 11.94 -9.72
N SER A 53 -2.00 13.13 -10.20
CA SER A 53 -2.91 13.96 -10.96
C SER A 53 -3.34 13.27 -12.24
N ARG A 54 -2.36 12.72 -12.96
CA ARG A 54 -2.64 12.03 -14.22
C ARG A 54 -3.60 10.88 -14.00
N VAL A 55 -3.32 10.05 -13.00
CA VAL A 55 -4.17 8.90 -12.70
C VAL A 55 -5.62 9.33 -12.51
N LYS A 56 -5.83 10.43 -11.81
CA LYS A 56 -7.17 10.95 -11.57
C LYS A 56 -7.77 11.52 -12.86
N ASN A 57 -6.98 12.32 -13.56
CA ASN A 57 -7.44 12.94 -14.81
C ASN A 57 -7.80 11.86 -15.83
N LEU A 58 -7.16 10.71 -15.72
CA LEU A 58 -7.42 9.60 -16.65
C LEU A 58 -8.45 8.64 -16.07
N GLU A 1 -24.26 -19.49 12.77
CA GLU A 1 -25.16 -18.37 12.50
C GLU A 1 -26.08 -18.70 11.33
N THR A 2 -27.10 -17.87 11.14
CA THR A 2 -28.06 -18.06 10.06
C THR A 2 -27.72 -17.19 8.85
N GLY A 3 -26.43 -16.86 8.71
CA GLY A 3 -26.00 -16.04 7.59
C GLY A 3 -25.34 -14.75 8.04
N THR A 4 -24.87 -14.73 9.29
CA THR A 4 -24.21 -13.56 9.84
C THR A 4 -22.77 -13.46 9.36
N LEU A 5 -22.53 -12.52 8.44
CA LEU A 5 -21.19 -12.32 7.90
C LEU A 5 -20.58 -11.01 8.40
N ILE A 6 -21.20 -10.44 9.43
CA ILE A 6 -20.73 -9.19 10.01
C ILE A 6 -19.72 -9.44 11.13
N VAL A 7 -19.93 -10.53 11.87
CA VAL A 7 -19.04 -10.89 12.96
C VAL A 7 -17.69 -11.37 12.44
N ASN A 8 -17.69 -11.95 11.25
CA ASN A 8 -16.47 -12.46 10.65
C ASN A 8 -15.82 -11.39 9.77
N SER A 9 -16.63 -10.45 9.30
CA SER A 9 -16.14 -9.38 8.44
C SER A 9 -15.62 -8.22 9.27
N VAL A 10 -16.43 -7.78 10.24
CA VAL A 10 -16.07 -6.67 11.11
C VAL A 10 -14.89 -7.04 11.99
N LEU A 11 -14.90 -8.26 12.52
CA LEU A 11 -13.82 -8.74 13.38
C LEU A 11 -12.52 -8.87 12.60
N LEU A 12 -12.61 -9.37 11.37
CA LEU A 12 -11.44 -9.55 10.52
C LEU A 12 -10.94 -8.20 10.00
N PHE A 13 -11.86 -7.35 9.57
CA PHE A 13 -11.51 -6.04 9.05
C PHE A 13 -10.60 -5.30 10.03
N LEU A 14 -10.82 -5.52 11.32
CA LEU A 14 -10.02 -4.87 12.35
C LEU A 14 -8.59 -5.38 12.33
N ALA A 15 -8.44 -6.70 12.45
CA ALA A 15 -7.11 -7.32 12.44
C ALA A 15 -6.45 -7.16 11.08
N PHE A 16 -7.23 -6.88 10.06
CA PHE A 16 -6.72 -6.71 8.71
C PHE A 16 -6.06 -5.33 8.56
N VAL A 17 -6.77 -4.30 8.98
CA VAL A 17 -6.25 -2.93 8.90
C VAL A 17 -4.86 -2.84 9.49
N VAL A 18 -4.72 -3.21 10.76
CA VAL A 18 -3.44 -3.17 11.44
C VAL A 18 -2.35 -3.85 10.62
N PHE A 19 -2.69 -4.99 10.02
CA PHE A 19 -1.75 -5.74 9.21
C PHE A 19 -1.38 -4.96 7.95
N LEU A 20 -2.37 -4.36 7.31
CA LEU A 20 -2.15 -3.59 6.10
C LEU A 20 -1.34 -2.33 6.40
N LEU A 21 -1.55 -1.76 7.59
CA LEU A 21 -0.84 -0.56 8.00
C LEU A 21 0.66 -0.72 7.79
N VAL A 22 1.22 -1.78 8.38
CA VAL A 22 2.64 -2.05 8.26
C VAL A 22 2.96 -2.78 6.96
N THR A 23 2.19 -3.83 6.67
CA THR A 23 2.38 -4.61 5.46
C THR A 23 2.51 -3.71 4.24
N LEU A 24 1.83 -2.56 4.27
CA LEU A 24 1.86 -1.62 3.17
C LEU A 24 3.28 -1.09 2.95
N ALA A 25 3.75 -0.29 3.91
CA ALA A 25 5.09 0.29 3.83
C ALA A 25 6.08 -0.71 3.26
N ILE A 26 5.98 -1.96 3.70
CA ILE A 26 6.88 -3.01 3.22
C ILE A 26 7.02 -2.96 1.70
N LEU A 27 5.89 -2.97 1.00
CA LEU A 27 5.90 -2.91 -0.46
C LEU A 27 6.83 -1.82 -0.97
N THR A 28 7.00 -0.78 -0.15
CA THR A 28 7.86 0.33 -0.52
C THR A 28 9.29 -0.12 -0.74
N ALA A 29 9.78 -0.99 0.14
CA ALA A 29 11.13 -1.51 0.04
C ALA A 29 11.45 -1.94 -1.38
N LEU A 30 10.44 -2.43 -2.09
CA LEU A 30 10.60 -2.89 -3.46
C LEU A 30 10.78 -1.70 -4.40
N ARG A 31 9.96 -0.68 -4.23
CA ARG A 31 10.02 0.51 -5.07
C ARG A 31 11.44 1.05 -5.12
N LEU A 32 12.00 1.34 -3.96
CA LEU A 32 13.36 1.87 -3.86
C LEU A 32 14.33 1.03 -4.67
N ALA A 33 14.08 -0.28 -4.73
CA ALA A 33 14.92 -1.20 -5.48
C ALA A 33 15.00 -0.79 -6.95
N ALA A 34 13.92 -0.21 -7.46
CA ALA A 34 13.87 0.23 -8.84
C ALA A 34 14.90 1.31 -9.12
N TYR A 35 15.02 2.26 -8.20
CA TYR A 35 15.98 3.35 -8.34
C TYR A 35 17.41 2.84 -8.28
N ALA A 36 17.58 1.63 -7.74
CA ALA A 36 18.90 1.02 -7.61
C ALA A 36 19.58 0.90 -8.97
N ALA A 37 18.77 1.01 -10.03
CA ALA A 37 19.30 0.91 -11.39
C ALA A 37 19.94 2.22 -11.82
N ASN A 38 19.76 3.26 -11.02
CA ASN A 38 20.33 4.57 -11.33
C ASN A 38 21.54 4.86 -10.46
N ILE A 39 21.30 5.05 -9.17
CA ILE A 39 22.36 5.33 -8.21
C ILE A 39 22.40 4.29 -7.10
N VAL A 40 21.38 4.31 -6.25
CA VAL A 40 21.29 3.37 -5.13
C VAL A 40 19.86 2.89 -4.94
N ASN A 41 19.68 1.94 -4.02
CA ASN A 41 18.36 1.39 -3.74
C ASN A 41 17.55 2.34 -2.85
N VAL A 42 17.53 3.62 -3.22
CA VAL A 42 16.79 4.61 -2.45
C VAL A 42 15.84 5.41 -3.36
N SER A 43 14.64 5.66 -2.85
CA SER A 43 13.63 6.40 -3.60
C SER A 43 12.47 6.82 -2.70
N LEU A 44 11.53 7.55 -3.26
CA LEU A 44 10.37 8.02 -2.52
C LEU A 44 9.13 8.08 -3.42
N VAL A 45 8.03 8.57 -2.85
CA VAL A 45 6.78 8.69 -3.60
C VAL A 45 6.38 10.15 -3.76
N LYS A 46 7.11 11.04 -3.08
CA LYS A 46 6.83 12.47 -3.15
C LYS A 46 6.93 12.98 -4.58
N PRO A 47 8.05 12.67 -5.25
CA PRO A 47 8.29 13.08 -6.64
C PRO A 47 7.38 12.36 -7.62
N THR A 48 6.68 11.34 -7.14
CA THR A 48 5.77 10.56 -7.98
C THR A 48 4.37 11.16 -7.98
N VAL A 49 4.19 12.22 -7.20
CA VAL A 49 2.89 12.88 -7.12
C VAL A 49 2.43 13.38 -8.47
N TYR A 50 3.39 13.77 -9.31
CA TYR A 50 3.09 14.27 -10.64
C TYR A 50 2.16 13.32 -11.38
N VAL A 51 2.30 12.03 -11.10
CA VAL A 51 1.46 11.01 -11.74
C VAL A 51 0.10 10.92 -11.06
N TYR A 52 0.07 11.19 -9.77
CA TYR A 52 -1.18 11.14 -9.01
C TYR A 52 -2.30 11.87 -9.74
N SER A 53 -1.99 13.07 -10.23
CA SER A 53 -2.97 13.87 -10.96
C SER A 53 -3.16 13.35 -12.37
N ARG A 54 -2.06 12.94 -13.00
CA ARG A 54 -2.11 12.42 -14.36
C ARG A 54 -3.09 11.26 -14.46
N VAL A 55 -2.82 10.20 -13.71
CA VAL A 55 -3.69 9.02 -13.71
C VAL A 55 -5.14 9.39 -13.40
N LYS A 56 -5.31 10.38 -12.54
CA LYS A 56 -6.64 10.83 -12.16
C LYS A 56 -7.33 11.54 -13.32
N ASN A 57 -6.57 12.34 -14.05
CA ASN A 57 -7.10 13.07 -15.19
C ASN A 57 -7.42 12.13 -16.35
N LEU A 58 -6.74 10.98 -16.37
CA LEU A 58 -6.94 9.99 -17.42
C LEU A 58 -8.02 8.98 -17.00
N GLU A 1 -24.52 -19.45 13.52
CA GLU A 1 -25.47 -18.39 13.19
C GLU A 1 -26.37 -18.81 12.03
N THR A 2 -27.36 -17.97 11.72
CA THR A 2 -28.28 -18.24 10.63
C THR A 2 -27.96 -17.41 9.41
N GLY A 3 -26.68 -17.05 9.25
CA GLY A 3 -26.28 -16.25 8.11
C GLY A 3 -25.64 -14.95 8.54
N THR A 4 -25.09 -14.92 9.75
CA THR A 4 -24.45 -13.72 10.26
C THR A 4 -23.02 -13.58 9.75
N LEU A 5 -22.81 -12.66 8.81
CA LEU A 5 -21.49 -12.44 8.25
C LEU A 5 -20.93 -11.10 8.68
N ILE A 6 -21.58 -10.47 9.65
CA ILE A 6 -21.14 -9.18 10.17
C ILE A 6 -20.16 -9.35 11.33
N VAL A 7 -20.38 -10.37 12.13
CA VAL A 7 -19.52 -10.65 13.27
C VAL A 7 -18.17 -11.22 12.82
N ASN A 8 -18.20 -11.96 11.72
CA ASN A 8 -16.98 -12.56 11.18
C ASN A 8 -16.25 -11.58 10.26
N SER A 9 -16.99 -10.62 9.72
CA SER A 9 -16.42 -9.63 8.82
C SER A 9 -15.86 -8.45 9.62
N VAL A 10 -16.59 -8.02 10.63
CA VAL A 10 -16.18 -6.91 11.47
C VAL A 10 -14.96 -7.27 12.31
N LEU A 11 -14.86 -8.55 12.68
CA LEU A 11 -13.75 -9.03 13.48
C LEU A 11 -12.50 -9.22 12.62
N LEU A 12 -12.69 -9.71 11.40
CA LEU A 12 -11.58 -9.93 10.49
C LEU A 12 -11.08 -8.61 9.91
N PHE A 13 -12.01 -7.77 9.48
CA PHE A 13 -11.66 -6.47 8.91
C PHE A 13 -10.71 -5.71 9.83
N LEU A 14 -10.98 -5.79 11.13
CA LEU A 14 -10.16 -5.10 12.13
C LEU A 14 -8.72 -5.59 12.08
N ALA A 15 -8.54 -6.90 12.25
CA ALA A 15 -7.22 -7.50 12.21
C ALA A 15 -6.58 -7.37 10.83
N PHE A 16 -7.42 -7.15 9.82
CA PHE A 16 -6.95 -7.01 8.45
C PHE A 16 -6.30 -5.64 8.24
N VAL A 17 -7.01 -4.59 8.65
CA VAL A 17 -6.50 -3.23 8.50
C VAL A 17 -5.08 -3.11 9.03
N VAL A 18 -4.91 -3.42 10.31
CA VAL A 18 -3.59 -3.36 10.95
C VAL A 18 -2.53 -4.06 10.11
N PHE A 19 -2.90 -5.20 9.54
CA PHE A 19 -1.99 -5.98 8.71
C PHE A 19 -1.60 -5.20 7.46
N LEU A 20 -2.59 -4.65 6.77
CA LEU A 20 -2.36 -3.88 5.56
C LEU A 20 -1.58 -2.61 5.87
N LEU A 21 -1.84 -2.02 7.03
CA LEU A 21 -1.17 -0.79 7.45
C LEU A 21 0.34 -0.94 7.32
N VAL A 22 0.91 -1.84 8.11
CA VAL A 22 2.35 -2.09 8.08
C VAL A 22 2.77 -2.78 6.78
N THR A 23 2.04 -3.83 6.42
CA THR A 23 2.34 -4.58 5.21
C THR A 23 2.49 -3.65 4.01
N LEU A 24 1.79 -2.51 4.05
CA LEU A 24 1.85 -1.53 2.98
C LEU A 24 3.27 -0.99 2.80
N ALA A 25 3.72 -0.22 3.79
CA ALA A 25 5.06 0.35 3.75
C ALA A 25 6.06 -0.64 3.19
N ILE A 26 5.96 -1.89 3.62
CA ILE A 26 6.87 -2.94 3.15
C ILE A 26 7.05 -2.88 1.64
N LEU A 27 5.93 -2.87 0.92
CA LEU A 27 5.97 -2.81 -0.53
C LEU A 27 6.91 -1.71 -1.02
N THR A 28 7.07 -0.68 -0.20
CA THR A 28 7.95 0.43 -0.54
C THR A 28 9.38 -0.03 -0.73
N ALA A 29 9.84 -0.91 0.16
CA ALA A 29 11.20 -1.44 0.08
C ALA A 29 11.53 -1.87 -1.35
N LEU A 30 10.53 -2.35 -2.07
CA LEU A 30 10.73 -2.81 -3.44
C LEU A 30 10.92 -1.62 -4.38
N ARG A 31 10.09 -0.60 -4.21
CA ARG A 31 10.17 0.60 -5.04
C ARG A 31 11.59 1.13 -5.08
N LEU A 32 12.12 1.47 -3.91
CA LEU A 32 13.48 2.00 -3.81
C LEU A 32 14.47 1.12 -4.57
N ALA A 33 14.20 -0.18 -4.61
CA ALA A 33 15.05 -1.12 -5.31
C ALA A 33 15.18 -0.76 -6.78
N ALA A 34 14.12 -0.18 -7.34
CA ALA A 34 14.11 0.21 -8.74
C ALA A 34 15.13 1.29 -9.01
N TYR A 35 15.21 2.27 -8.12
CA TYR A 35 16.16 3.37 -8.26
C TYR A 35 17.60 2.87 -8.18
N ALA A 36 17.78 1.70 -7.58
CA ALA A 36 19.10 1.11 -7.44
C ALA A 36 19.76 0.89 -8.79
N ALA A 37 18.95 0.94 -9.85
CA ALA A 37 19.46 0.77 -11.21
C ALA A 37 20.06 2.06 -11.74
N ASN A 38 19.90 3.13 -10.99
CA ASN A 38 20.44 4.43 -11.39
C ASN A 38 21.68 4.78 -10.59
N ILE A 39 21.48 5.05 -9.30
CA ILE A 39 22.59 5.40 -8.41
C ILE A 39 22.67 4.44 -7.23
N VAL A 40 21.68 4.50 -6.35
CA VAL A 40 21.64 3.63 -5.18
C VAL A 40 20.23 3.14 -4.90
N ASN A 41 20.08 2.27 -3.92
CA ASN A 41 18.78 1.72 -3.55
C ASN A 41 17.98 2.73 -2.73
N VAL A 42 17.86 3.94 -3.27
CA VAL A 42 17.12 5.00 -2.59
C VAL A 42 16.10 5.64 -3.52
N SER A 43 14.93 5.94 -2.98
CA SER A 43 13.86 6.57 -3.76
C SER A 43 12.78 7.13 -2.85
N LEU A 44 11.78 7.78 -3.45
CA LEU A 44 10.68 8.38 -2.70
C LEU A 44 9.42 8.43 -3.55
N VAL A 45 8.35 8.97 -2.96
CA VAL A 45 7.08 9.08 -3.66
C VAL A 45 6.69 10.55 -3.86
N LYS A 46 7.44 11.44 -3.24
CA LYS A 46 7.17 12.87 -3.36
C LYS A 46 7.22 13.31 -4.82
N PRO A 47 8.32 12.95 -5.51
CA PRO A 47 8.50 13.30 -6.92
C PRO A 47 7.55 12.54 -7.84
N THR A 48 6.86 11.55 -7.28
CA THR A 48 5.91 10.75 -8.05
C THR A 48 4.52 11.36 -8.02
N VAL A 49 4.38 12.47 -7.29
CA VAL A 49 3.09 13.15 -7.18
C VAL A 49 2.58 13.57 -8.55
N TYR A 50 3.49 13.95 -9.44
CA TYR A 50 3.12 14.38 -10.78
C TYR A 50 2.21 13.36 -11.44
N VAL A 51 2.37 12.10 -11.08
CA VAL A 51 1.56 11.02 -11.63
C VAL A 51 0.19 10.98 -10.97
N TYR A 52 0.14 11.29 -9.68
CA TYR A 52 -1.11 11.29 -8.94
C TYR A 52 -2.21 12.03 -9.71
N SER A 53 -1.83 13.12 -10.37
CA SER A 53 -2.77 13.90 -11.15
C SER A 53 -2.99 13.31 -12.53
N ARG A 54 -1.93 12.75 -13.09
CA ARG A 54 -1.99 12.13 -14.42
C ARG A 54 -2.98 10.97 -14.43
N VAL A 55 -2.97 10.19 -13.35
CA VAL A 55 -3.87 9.04 -13.24
C VAL A 55 -5.31 9.49 -13.06
N LYS A 56 -5.50 10.57 -12.32
CA LYS A 56 -6.84 11.11 -12.08
C LYS A 56 -7.37 11.83 -13.31
N ASN A 57 -6.46 12.43 -14.08
CA ASN A 57 -6.84 13.15 -15.27
C ASN A 57 -7.13 12.18 -16.43
N LEU A 58 -6.47 11.03 -16.40
CA LEU A 58 -6.65 10.02 -17.43
C LEU A 58 -7.89 9.17 -17.15
N GLU A 1 -27.06 -17.16 13.90
CA GLU A 1 -26.64 -16.21 12.87
C GLU A 1 -27.65 -16.15 11.73
N THR A 2 -28.04 -17.31 11.23
CA THR A 2 -29.01 -17.40 10.14
C THR A 2 -28.57 -16.53 8.96
N GLY A 3 -27.27 -16.31 8.84
CA GLY A 3 -26.76 -15.49 7.76
C GLY A 3 -26.10 -14.21 8.24
N THR A 4 -25.34 -14.33 9.34
CA THR A 4 -24.66 -13.17 9.91
C THR A 4 -23.20 -13.13 9.48
N LEU A 5 -22.90 -12.27 8.52
CA LEU A 5 -21.53 -12.12 8.01
C LEU A 5 -20.92 -10.81 8.46
N ILE A 6 -21.55 -10.16 9.44
CA ILE A 6 -21.06 -8.90 9.97
C ILE A 6 -20.08 -9.11 11.12
N VAL A 7 -20.34 -10.15 11.91
CA VAL A 7 -19.48 -10.46 13.05
C VAL A 7 -18.15 -11.05 12.58
N ASN A 8 -18.19 -11.79 11.48
CA ASN A 8 -17.00 -12.41 10.92
C ASN A 8 -16.24 -11.44 10.02
N SER A 9 -16.96 -10.46 9.49
CA SER A 9 -16.37 -9.46 8.61
C SER A 9 -15.78 -8.31 9.42
N VAL A 10 -16.49 -7.89 10.45
CA VAL A 10 -16.05 -6.80 11.30
C VAL A 10 -14.83 -7.21 12.12
N LEU A 11 -14.75 -8.49 12.47
CA LEU A 11 -13.63 -9.00 13.26
C LEU A 11 -12.40 -9.19 12.38
N LEU A 12 -12.61 -9.70 11.17
CA LEU A 12 -11.51 -9.92 10.24
C LEU A 12 -11.00 -8.61 9.66
N PHE A 13 -11.92 -7.76 9.21
CA PHE A 13 -11.56 -6.47 8.65
C PHE A 13 -10.63 -5.71 9.58
N LEU A 14 -10.87 -5.82 10.88
CA LEU A 14 -10.06 -5.13 11.88
C LEU A 14 -8.62 -5.64 11.84
N ALA A 15 -8.46 -6.95 12.00
CA ALA A 15 -7.13 -7.57 11.98
C ALA A 15 -6.50 -7.44 10.60
N PHE A 16 -7.32 -7.20 9.59
CA PHE A 16 -6.84 -7.07 8.22
C PHE A 16 -6.17 -5.71 8.01
N VAL A 17 -6.87 -4.65 8.39
CA VAL A 17 -6.35 -3.29 8.24
C VAL A 17 -4.94 -3.18 8.82
N VAL A 18 -4.81 -3.52 10.10
CA VAL A 18 -3.52 -3.46 10.77
C VAL A 18 -2.44 -4.19 9.97
N PHE A 19 -2.82 -5.30 9.36
CA PHE A 19 -1.89 -6.09 8.56
C PHE A 19 -1.42 -5.30 7.34
N LEU A 20 -2.37 -4.68 6.65
CA LEU A 20 -2.06 -3.88 5.46
C LEU A 20 -1.34 -2.60 5.83
N LEU A 21 -1.65 -2.07 7.01
CA LEU A 21 -1.03 -0.84 7.49
C LEU A 21 0.49 -0.93 7.42
N VAL A 22 1.05 -1.97 8.03
CA VAL A 22 2.48 -2.17 8.03
C VAL A 22 2.95 -2.86 6.74
N THR A 23 2.23 -3.92 6.37
CA THR A 23 2.57 -4.67 5.16
C THR A 23 2.72 -3.74 3.96
N LEU A 24 2.01 -2.61 3.99
CA LEU A 24 2.06 -1.64 2.91
C LEU A 24 3.46 -1.06 2.78
N ALA A 25 3.87 -0.26 3.76
CA ALA A 25 5.19 0.35 3.75
C ALA A 25 6.24 -0.62 3.22
N ILE A 26 6.16 -1.87 3.64
CA ILE A 26 7.11 -2.89 3.21
C ILE A 26 7.32 -2.84 1.69
N LEU A 27 6.22 -2.84 0.95
CA LEU A 27 6.29 -2.79 -0.51
C LEU A 27 7.20 -1.66 -0.97
N THR A 28 7.33 -0.63 -0.14
CA THR A 28 8.18 0.51 -0.46
C THR A 28 9.64 0.08 -0.62
N ALA A 29 10.10 -0.78 0.28
CA ALA A 29 11.47 -1.26 0.22
C ALA A 29 11.85 -1.71 -1.19
N LEU A 30 10.86 -2.19 -1.93
CA LEU A 30 11.09 -2.65 -3.29
C LEU A 30 11.26 -1.47 -4.25
N ARG A 31 10.39 -0.46 -4.09
CA ARG A 31 10.46 0.73 -4.93
C ARG A 31 11.86 1.31 -4.96
N LEU A 32 12.38 1.66 -3.79
CA LEU A 32 13.72 2.23 -3.68
C LEU A 32 14.74 1.36 -4.39
N ALA A 33 14.50 0.05 -4.40
CA ALA A 33 15.40 -0.89 -5.04
C ALA A 33 15.47 -0.62 -6.55
N ALA A 34 14.41 -0.06 -7.10
CA ALA A 34 14.36 0.26 -8.52
C ALA A 34 15.39 1.32 -8.89
N TYR A 35 15.46 2.38 -8.08
CA TYR A 35 16.40 3.46 -8.32
C TYR A 35 17.84 2.95 -8.28
N ALA A 36 18.05 1.85 -7.57
CA ALA A 36 19.38 1.27 -7.44
C ALA A 36 19.95 0.92 -8.81
N ALA A 37 19.09 0.88 -9.82
CA ALA A 37 19.52 0.57 -11.18
C ALA A 37 20.15 1.78 -11.85
N ASN A 38 20.01 2.94 -11.22
CA ASN A 38 20.57 4.17 -11.76
C ASN A 38 21.80 4.60 -10.98
N ILE A 39 21.58 5.05 -9.75
CA ILE A 39 22.68 5.48 -8.88
C ILE A 39 22.68 4.73 -7.56
N VAL A 40 21.67 4.99 -6.74
CA VAL A 40 21.54 4.33 -5.44
C VAL A 40 20.18 3.67 -5.29
N ASN A 41 20.06 2.81 -4.30
CA ASN A 41 18.81 2.10 -4.04
C ASN A 41 17.88 2.96 -3.18
N VAL A 42 18.03 4.27 -3.27
CA VAL A 42 17.20 5.20 -2.50
C VAL A 42 16.17 5.88 -3.38
N SER A 43 15.00 6.15 -2.82
CA SER A 43 13.92 6.81 -3.56
C SER A 43 12.82 7.29 -2.62
N LEU A 44 11.83 7.96 -3.18
CA LEU A 44 10.71 8.47 -2.39
C LEU A 44 9.42 8.49 -3.21
N VAL A 45 8.36 9.01 -2.60
CA VAL A 45 7.06 9.09 -3.28
C VAL A 45 6.73 10.54 -3.64
N LYS A 46 7.58 11.46 -3.22
CA LYS A 46 7.38 12.87 -3.50
C LYS A 46 7.35 13.14 -5.00
N PRO A 47 8.35 12.62 -5.72
CA PRO A 47 8.45 12.78 -7.17
C PRO A 47 7.39 11.99 -7.92
N THR A 48 6.66 11.15 -7.19
CA THR A 48 5.61 10.33 -7.79
C THR A 48 4.26 11.06 -7.76
N VAL A 49 4.26 12.26 -7.18
CA VAL A 49 3.04 13.05 -7.09
C VAL A 49 2.44 13.29 -8.47
N TYR A 50 3.30 13.52 -9.45
CA TYR A 50 2.86 13.77 -10.82
C TYR A 50 1.87 12.70 -11.27
N VAL A 51 2.05 11.49 -10.76
CA VAL A 51 1.17 10.37 -11.11
C VAL A 51 -0.20 10.54 -10.48
N TYR A 52 -0.23 11.06 -9.26
CA TYR A 52 -1.49 11.27 -8.55
C TYR A 52 -2.51 11.96 -9.45
N SER A 53 -2.09 13.05 -10.09
CA SER A 53 -2.96 13.81 -10.97
C SER A 53 -3.42 12.95 -12.15
N ARG A 54 -2.49 12.19 -12.72
CA ARG A 54 -2.79 11.34 -13.85
C ARG A 54 -3.88 10.32 -13.49
N VAL A 55 -3.74 9.70 -12.32
CA VAL A 55 -4.69 8.71 -11.85
C VAL A 55 -6.11 9.25 -11.92
N LYS A 56 -6.27 10.54 -11.62
CA LYS A 56 -7.58 11.18 -11.65
C LYS A 56 -7.96 11.58 -13.07
N ASN A 57 -6.96 11.95 -13.86
CA ASN A 57 -7.19 12.36 -15.25
C ASN A 57 -7.01 11.18 -16.19
N LEU A 58 -7.11 9.96 -15.65
CA LEU A 58 -6.96 8.75 -16.45
C LEU A 58 -8.28 7.97 -16.50
N GLU A 1 -22.50 -18.07 15.08
CA GLU A 1 -23.68 -17.21 14.97
C GLU A 1 -24.74 -17.87 14.09
N THR A 2 -25.82 -17.13 13.84
CA THR A 2 -26.92 -17.63 13.01
C THR A 2 -26.70 -17.27 11.54
N GLY A 3 -25.45 -17.08 11.17
CA GLY A 3 -25.14 -16.73 9.79
C GLY A 3 -24.76 -15.27 9.63
N THR A 4 -24.70 -14.55 10.75
CA THR A 4 -24.34 -13.14 10.72
C THR A 4 -22.95 -12.93 10.13
N LEU A 5 -22.91 -12.25 8.99
CA LEU A 5 -21.64 -11.98 8.31
C LEU A 5 -21.03 -10.67 8.82
N ILE A 6 -21.61 -10.12 9.88
CA ILE A 6 -21.12 -8.88 10.46
C ILE A 6 -20.06 -9.15 11.53
N VAL A 7 -20.21 -10.28 12.23
CA VAL A 7 -19.27 -10.66 13.27
C VAL A 7 -17.98 -11.18 12.68
N ASN A 8 -18.06 -11.79 11.51
CA ASN A 8 -16.88 -12.33 10.84
C ASN A 8 -16.22 -11.27 9.97
N SER A 9 -17.00 -10.28 9.55
CA SER A 9 -16.49 -9.20 8.71
C SER A 9 -15.88 -8.09 9.56
N VAL A 10 -16.54 -7.76 10.66
CA VAL A 10 -16.06 -6.72 11.55
C VAL A 10 -14.82 -7.17 12.31
N LEU A 11 -14.73 -8.48 12.58
CA LEU A 11 -13.60 -9.04 13.29
C LEU A 11 -12.39 -9.20 12.36
N LEU A 12 -12.64 -9.71 11.17
CA LEU A 12 -11.59 -9.92 10.19
C LEU A 12 -11.07 -8.58 9.66
N PHE A 13 -11.98 -7.72 9.25
CA PHE A 13 -11.61 -6.42 8.73
C PHE A 13 -10.66 -5.69 9.69
N LEU A 14 -10.92 -5.84 10.98
CA LEU A 14 -10.09 -5.20 12.00
C LEU A 14 -8.66 -5.72 11.95
N ALA A 15 -8.51 -7.04 12.07
CA ALA A 15 -7.19 -7.66 12.03
C ALA A 15 -6.55 -7.49 10.65
N PHE A 16 -7.38 -7.25 9.65
CA PHE A 16 -6.88 -7.07 8.29
C PHE A 16 -6.23 -5.70 8.13
N VAL A 17 -6.92 -4.65 8.56
CA VAL A 17 -6.41 -3.30 8.46
C VAL A 17 -4.98 -3.21 8.99
N VAL A 18 -4.80 -3.57 10.26
CA VAL A 18 -3.48 -3.54 10.88
C VAL A 18 -2.44 -4.25 10.02
N PHE A 19 -2.86 -5.35 9.40
CA PHE A 19 -1.97 -6.13 8.55
C PHE A 19 -1.54 -5.32 7.34
N LEU A 20 -2.51 -4.71 6.67
CA LEU A 20 -2.23 -3.90 5.48
C LEU A 20 -1.46 -2.63 5.85
N LEU A 21 -1.74 -2.11 7.04
CA LEU A 21 -1.07 -0.90 7.52
C LEU A 21 0.45 -1.04 7.40
N VAL A 22 0.99 -2.11 7.98
CA VAL A 22 2.43 -2.35 7.93
C VAL A 22 2.83 -3.04 6.64
N THR A 23 2.08 -4.08 6.26
CA THR A 23 2.36 -4.81 5.04
C THR A 23 2.51 -3.89 3.85
N LEU A 24 1.82 -2.75 3.90
CA LEU A 24 1.88 -1.77 2.81
C LEU A 24 3.28 -1.20 2.68
N ALA A 25 3.71 -0.44 3.67
CA ALA A 25 5.04 0.16 3.67
C ALA A 25 6.07 -0.80 3.11
N ILE A 26 5.97 -2.07 3.50
CA ILE A 26 6.90 -3.10 3.03
C ILE A 26 7.10 -3.01 1.52
N LEU A 27 6.00 -2.99 0.79
CA LEU A 27 6.06 -2.90 -0.67
C LEU A 27 6.99 -1.77 -1.11
N THR A 28 7.12 -0.76 -0.26
CA THR A 28 7.99 0.38 -0.57
C THR A 28 9.43 -0.05 -0.75
N ALA A 29 9.89 -0.94 0.14
CA ALA A 29 11.27 -1.44 0.08
C ALA A 29 11.63 -1.85 -1.34
N LEU A 30 10.65 -2.33 -2.10
CA LEU A 30 10.87 -2.76 -3.47
C LEU A 30 11.06 -1.55 -4.39
N ARG A 31 10.20 -0.56 -4.24
CA ARG A 31 10.28 0.65 -5.05
C ARG A 31 11.71 1.22 -5.05
N LEU A 32 12.21 1.52 -3.85
CA LEU A 32 13.55 2.07 -3.71
C LEU A 32 14.56 1.24 -4.48
N ALA A 33 14.32 -0.08 -4.55
CA ALA A 33 15.22 -0.99 -5.25
C ALA A 33 15.33 -0.61 -6.73
N ALA A 34 14.26 -0.03 -7.27
CA ALA A 34 14.24 0.39 -8.66
C ALA A 34 15.27 1.48 -8.93
N TYR A 35 15.33 2.46 -8.06
CA TYR A 35 16.27 3.57 -8.20
C TYR A 35 17.70 3.07 -8.16
N ALA A 36 17.90 1.90 -7.55
CA ALA A 36 19.23 1.31 -7.44
C ALA A 36 19.85 1.10 -8.82
N ALA A 37 19.01 1.13 -9.86
CA ALA A 37 19.48 0.95 -11.22
C ALA A 37 20.14 2.22 -11.75
N ASN A 38 19.99 3.32 -11.01
CA ASN A 38 20.57 4.59 -11.40
C ASN A 38 21.79 4.92 -10.54
N ILE A 39 21.54 5.23 -9.27
CA ILE A 39 22.61 5.56 -8.34
C ILE A 39 22.60 4.64 -7.13
N VAL A 40 21.58 4.79 -6.29
CA VAL A 40 21.43 3.98 -5.10
C VAL A 40 20.03 3.41 -4.98
N ASN A 41 19.84 2.50 -4.02
CA ASN A 41 18.54 1.89 -3.79
C ASN A 41 17.66 2.75 -2.90
N VAL A 42 17.73 4.06 -3.10
CA VAL A 42 16.94 5.00 -2.31
C VAL A 42 15.97 5.77 -3.19
N SER A 43 14.76 5.98 -2.68
CA SER A 43 13.73 6.70 -3.42
C SER A 43 12.55 7.05 -2.51
N LEU A 44 11.57 7.77 -3.06
CA LEU A 44 10.39 8.17 -2.30
C LEU A 44 9.16 8.22 -3.20
N VAL A 45 8.06 8.72 -2.66
CA VAL A 45 6.81 8.83 -3.41
C VAL A 45 6.44 10.29 -3.63
N LYS A 46 7.17 11.19 -2.98
CA LYS A 46 6.91 12.62 -3.10
C LYS A 46 7.01 13.07 -4.56
N PRO A 47 8.13 12.70 -5.22
CA PRO A 47 8.36 13.06 -6.62
C PRO A 47 7.43 12.30 -7.57
N THR A 48 6.72 11.33 -7.03
CA THR A 48 5.80 10.53 -7.84
C THR A 48 4.41 11.14 -7.86
N VAL A 49 4.25 12.25 -7.13
CA VAL A 49 2.96 12.94 -7.07
C VAL A 49 2.49 13.37 -8.45
N TYR A 50 3.44 13.71 -9.31
CA TYR A 50 3.13 14.14 -10.67
C TYR A 50 2.20 13.14 -11.36
N VAL A 51 2.35 11.87 -11.00
CA VAL A 51 1.53 10.80 -11.58
C VAL A 51 0.15 10.77 -10.93
N TYR A 52 0.08 11.14 -9.66
CA TYR A 52 -1.17 11.15 -8.94
C TYR A 52 -2.27 11.85 -9.75
N SER A 53 -1.93 13.01 -10.30
CA SER A 53 -2.89 13.78 -11.09
C SER A 53 -3.09 13.13 -12.46
N ARG A 54 -2.00 12.64 -13.05
CA ARG A 54 -2.06 12.00 -14.36
C ARG A 54 -3.14 10.92 -14.38
N VAL A 55 -2.98 9.93 -13.53
CA VAL A 55 -3.94 8.82 -13.45
C VAL A 55 -5.36 9.34 -13.27
N LYS A 56 -5.50 10.39 -12.46
CA LYS A 56 -6.80 10.98 -12.21
C LYS A 56 -7.38 11.60 -13.47
N ASN A 57 -6.53 12.30 -14.22
CA ASN A 57 -6.96 12.94 -15.46
C ASN A 57 -7.36 11.91 -16.50
N LEU A 58 -6.83 10.69 -16.36
CA LEU A 58 -7.13 9.62 -17.29
C LEU A 58 -8.63 9.45 -17.46
N GLU A 1 -24.16 -19.75 13.54
CA GLU A 1 -25.08 -18.67 13.18
C GLU A 1 -26.01 -19.11 12.04
N THR A 2 -27.00 -18.28 11.74
CA THR A 2 -27.95 -18.57 10.68
C THR A 2 -27.63 -17.78 9.42
N GLY A 3 -26.37 -17.47 9.23
CA GLY A 3 -25.94 -16.72 8.06
C GLY A 3 -25.27 -15.41 8.41
N THR A 4 -25.08 -15.18 9.71
CA THR A 4 -24.45 -13.95 10.17
C THR A 4 -22.97 -13.91 9.81
N LEU A 5 -22.62 -13.07 8.85
CA LEU A 5 -21.24 -12.95 8.40
C LEU A 5 -20.63 -11.63 8.88
N ILE A 6 -21.49 -10.65 9.14
CA ILE A 6 -21.03 -9.34 9.60
C ILE A 6 -20.05 -9.48 10.76
N VAL A 7 -20.24 -10.52 11.57
CA VAL A 7 -19.37 -10.77 12.70
C VAL A 7 -17.97 -11.17 12.25
N ASN A 8 -17.90 -12.04 11.25
CA ASN A 8 -16.64 -12.52 10.73
C ASN A 8 -16.01 -11.47 9.80
N SER A 9 -16.83 -10.54 9.33
CA SER A 9 -16.37 -9.49 8.43
C SER A 9 -15.85 -8.29 9.22
N VAL A 10 -16.67 -7.80 10.13
CA VAL A 10 -16.30 -6.65 10.96
C VAL A 10 -15.14 -7.00 11.88
N LEU A 11 -15.04 -8.27 12.27
CA LEU A 11 -13.98 -8.72 13.15
C LEU A 11 -12.68 -8.91 12.37
N LEU A 12 -12.78 -9.46 11.17
CA LEU A 12 -11.61 -9.68 10.32
C LEU A 12 -11.09 -8.36 9.75
N PHE A 13 -12.00 -7.55 9.24
CA PHE A 13 -11.64 -6.26 8.67
C PHE A 13 -10.76 -5.46 9.63
N LEU A 14 -11.13 -5.47 10.90
CA LEU A 14 -10.38 -4.75 11.92
C LEU A 14 -8.94 -5.24 11.97
N ALA A 15 -8.75 -6.53 12.20
CA ALA A 15 -7.42 -7.11 12.28
C ALA A 15 -6.70 -7.01 10.94
N PHE A 16 -7.47 -6.80 9.87
CA PHE A 16 -6.91 -6.68 8.54
C PHE A 16 -6.28 -5.31 8.34
N VAL A 17 -7.02 -4.27 8.69
CA VAL A 17 -6.54 -2.89 8.55
C VAL A 17 -5.14 -2.74 9.15
N VAL A 18 -5.01 -3.06 10.43
CA VAL A 18 -3.74 -2.96 11.12
C VAL A 18 -2.62 -3.65 10.33
N PHE A 19 -2.93 -4.84 9.82
CA PHE A 19 -1.96 -5.60 9.05
C PHE A 19 -1.59 -4.87 7.77
N LEU A 20 -2.60 -4.31 7.10
CA LEU A 20 -2.37 -3.57 5.86
C LEU A 20 -1.58 -2.29 6.11
N LEU A 21 -1.87 -1.63 7.22
CA LEU A 21 -1.18 -0.40 7.58
C LEU A 21 0.32 -0.54 7.41
N VAL A 22 0.90 -1.53 8.11
CA VAL A 22 2.34 -1.77 8.03
C VAL A 22 2.70 -2.53 6.75
N THR A 23 1.93 -3.58 6.45
CA THR A 23 2.18 -4.38 5.27
C THR A 23 2.36 -3.50 4.03
N LEU A 24 1.68 -2.35 4.03
CA LEU A 24 1.78 -1.42 2.92
C LEU A 24 3.20 -0.90 2.75
N ALA A 25 3.64 -0.11 3.73
CA ALA A 25 4.99 0.46 3.70
C ALA A 25 6.00 -0.55 3.17
N ILE A 26 5.87 -1.80 3.61
CA ILE A 26 6.77 -2.86 3.18
C ILE A 26 6.97 -2.84 1.66
N LEU A 27 5.86 -2.83 0.93
CA LEU A 27 5.91 -2.80 -0.53
C LEU A 27 6.87 -1.72 -1.01
N THR A 28 7.03 -0.68 -0.21
CA THR A 28 7.92 0.43 -0.57
C THR A 28 9.35 -0.05 -0.74
N ALA A 29 9.80 -0.91 0.17
CA ALA A 29 11.15 -1.45 0.11
C ALA A 29 11.50 -1.92 -1.29
N LEU A 30 10.50 -2.40 -2.02
CA LEU A 30 10.70 -2.87 -3.38
C LEU A 30 10.91 -1.71 -4.34
N ARG A 31 10.09 -0.67 -4.20
CA ARG A 31 10.19 0.51 -5.06
C ARG A 31 11.63 1.04 -5.08
N LEU A 32 12.14 1.38 -3.91
CA LEU A 32 13.50 1.90 -3.80
C LEU A 32 14.50 0.99 -4.52
N ALA A 33 14.20 -0.31 -4.54
CA ALA A 33 15.06 -1.27 -5.20
C ALA A 33 15.19 -0.97 -6.69
N ALA A 34 14.15 -0.38 -7.26
CA ALA A 34 14.14 -0.04 -8.67
C ALA A 34 15.19 1.02 -8.99
N TYR A 35 15.27 2.05 -8.14
CA TYR A 35 16.22 3.12 -8.33
C TYR A 35 17.65 2.61 -8.20
N ALA A 36 17.81 1.47 -7.55
CA ALA A 36 19.13 0.86 -7.36
C ALA A 36 19.78 0.53 -8.69
N ALA A 37 18.99 0.57 -9.76
CA ALA A 37 19.49 0.28 -11.10
C ALA A 37 20.10 1.52 -11.74
N ASN A 38 19.94 2.66 -11.08
CA ASN A 38 20.48 3.93 -11.57
C ASN A 38 21.72 4.33 -10.79
N ILE A 39 21.51 4.73 -9.54
CA ILE A 39 22.62 5.15 -8.68
C ILE A 39 22.67 4.31 -7.40
N VAL A 40 21.66 4.49 -6.55
CA VAL A 40 21.60 3.75 -5.29
C VAL A 40 20.20 3.16 -5.08
N ASN A 41 20.07 2.30 -4.08
CA ASN A 41 18.80 1.66 -3.78
C ASN A 41 17.93 2.59 -2.94
N VAL A 42 17.98 3.88 -3.25
CA VAL A 42 17.18 4.88 -2.52
C VAL A 42 16.17 5.54 -3.44
N SER A 43 14.99 5.83 -2.91
CA SER A 43 13.93 6.47 -3.69
C SER A 43 12.86 7.04 -2.77
N LEU A 44 11.87 7.71 -3.37
CA LEU A 44 10.78 8.31 -2.60
C LEU A 44 9.50 8.36 -3.43
N VAL A 45 8.46 8.97 -2.87
CA VAL A 45 7.18 9.09 -3.56
C VAL A 45 6.85 10.55 -3.83
N LYS A 46 7.65 11.45 -3.29
CA LYS A 46 7.44 12.88 -3.48
C LYS A 46 7.46 13.25 -4.96
N PRO A 47 8.51 12.79 -5.67
CA PRO A 47 8.68 13.06 -7.09
C PRO A 47 7.65 12.30 -7.94
N THR A 48 6.92 11.39 -7.31
CA THR A 48 5.91 10.61 -8.00
C THR A 48 4.55 11.30 -7.96
N VAL A 49 4.49 12.44 -7.29
CA VAL A 49 3.25 13.20 -7.18
C VAL A 49 2.70 13.56 -8.56
N TYR A 50 3.60 13.90 -9.47
CA TYR A 50 3.19 14.26 -10.83
C TYR A 50 2.26 13.22 -11.42
N VAL A 51 2.45 11.97 -11.02
CA VAL A 51 1.62 10.87 -11.51
C VAL A 51 0.22 10.93 -10.91
N TYR A 52 0.16 11.32 -9.64
CA TYR A 52 -1.12 11.41 -8.94
C TYR A 52 -2.14 12.19 -9.77
N SER A 53 -1.73 13.34 -10.29
CA SER A 53 -2.60 14.17 -11.10
C SER A 53 -3.06 13.43 -12.36
N ARG A 54 -2.11 12.86 -13.07
CA ARG A 54 -2.40 12.12 -14.30
C ARG A 54 -3.41 11.01 -14.02
N VAL A 55 -3.16 10.22 -12.99
CA VAL A 55 -4.06 9.13 -12.62
C VAL A 55 -5.48 9.62 -12.46
N LYS A 56 -5.64 10.77 -11.81
CA LYS A 56 -6.95 11.35 -11.59
C LYS A 56 -7.54 11.91 -12.89
N ASN A 57 -6.70 12.59 -13.66
CA ASN A 57 -7.13 13.16 -14.92
C ASN A 57 -7.62 12.08 -15.88
N LEU A 58 -7.18 10.85 -15.65
CA LEU A 58 -7.58 9.73 -16.49
C LEU A 58 -9.09 9.68 -16.65
N GLU A 1 -25.56 -19.33 13.44
CA GLU A 1 -26.48 -18.22 13.25
C GLU A 1 -27.35 -18.44 12.02
N THR A 2 -28.33 -17.55 11.82
CA THR A 2 -29.23 -17.65 10.69
C THR A 2 -28.75 -16.79 9.53
N GLY A 3 -27.44 -16.59 9.45
CA GLY A 3 -26.87 -15.78 8.38
C GLY A 3 -26.09 -14.60 8.91
N THR A 4 -25.67 -14.67 10.17
CA THR A 4 -24.91 -13.60 10.79
C THR A 4 -23.43 -13.67 10.40
N LEU A 5 -23.00 -12.76 9.53
CA LEU A 5 -21.62 -12.73 9.08
C LEU A 5 -20.94 -11.43 9.51
N ILE A 6 -21.54 -10.76 10.50
CA ILE A 6 -21.00 -9.50 11.00
C ILE A 6 -19.97 -9.75 12.09
N VAL A 7 -20.07 -10.91 12.74
CA VAL A 7 -19.15 -11.27 13.82
C VAL A 7 -17.80 -11.69 13.26
N ASN A 8 -17.81 -12.43 12.16
CA ASN A 8 -16.59 -12.91 11.53
C ASN A 8 -16.03 -11.86 10.58
N SER A 9 -16.87 -10.90 10.20
CA SER A 9 -16.46 -9.84 9.29
C SER A 9 -15.81 -8.69 10.07
N VAL A 10 -16.47 -8.25 11.13
CA VAL A 10 -15.96 -7.16 11.95
C VAL A 10 -14.68 -7.56 12.66
N LEU A 11 -14.55 -8.85 12.97
CA LEU A 11 -13.36 -9.36 13.65
C LEU A 11 -12.20 -9.48 12.69
N LEU A 12 -12.48 -9.93 11.46
CA LEU A 12 -11.44 -10.08 10.45
C LEU A 12 -11.05 -8.73 9.86
N PHE A 13 -12.03 -7.84 9.73
CA PHE A 13 -11.79 -6.51 9.19
C PHE A 13 -10.77 -5.74 10.04
N LEU A 14 -10.81 -5.98 11.35
CA LEU A 14 -9.91 -5.32 12.28
C LEU A 14 -8.50 -5.87 12.14
N ALA A 15 -8.38 -7.19 12.03
CA ALA A 15 -7.09 -7.83 11.89
C ALA A 15 -6.55 -7.67 10.47
N PHE A 16 -7.43 -7.35 9.54
CA PHE A 16 -7.03 -7.16 8.14
C PHE A 16 -6.45 -5.77 7.92
N VAL A 17 -7.21 -4.74 8.30
CA VAL A 17 -6.76 -3.36 8.14
C VAL A 17 -5.37 -3.17 8.71
N VAL A 18 -5.14 -3.71 9.90
CA VAL A 18 -3.84 -3.60 10.56
C VAL A 18 -2.75 -4.25 9.73
N PHE A 19 -3.07 -5.39 9.13
CA PHE A 19 -2.11 -6.11 8.30
C PHE A 19 -1.71 -5.29 7.08
N LEU A 20 -2.69 -4.63 6.47
CA LEU A 20 -2.45 -3.81 5.29
C LEU A 20 -1.65 -2.56 5.65
N LEU A 21 -1.96 -2.00 6.82
CA LEU A 21 -1.27 -0.80 7.29
C LEU A 21 0.24 -0.93 7.13
N VAL A 22 0.79 -2.02 7.67
CA VAL A 22 2.22 -2.27 7.59
C VAL A 22 2.58 -2.93 6.26
N THR A 23 1.83 -3.97 5.89
CA THR A 23 2.07 -4.70 4.66
C THR A 23 2.27 -3.73 3.49
N LEU A 24 1.60 -2.59 3.56
CA LEU A 24 1.70 -1.59 2.50
C LEU A 24 3.12 -1.04 2.41
N ALA A 25 3.54 -0.31 3.43
CA ALA A 25 4.88 0.26 3.47
C ALA A 25 5.91 -0.71 2.91
N ILE A 26 5.79 -1.98 3.29
CA ILE A 26 6.71 -3.01 2.83
C ILE A 26 6.94 -2.91 1.32
N LEU A 27 5.84 -2.87 0.57
CA LEU A 27 5.92 -2.76 -0.89
C LEU A 27 6.88 -1.66 -1.31
N THR A 28 7.03 -0.65 -0.45
CA THR A 28 7.92 0.47 -0.73
C THR A 28 9.35 0.00 -0.90
N ALA A 29 9.79 -0.90 -0.03
CA ALA A 29 11.14 -1.43 -0.08
C ALA A 29 11.53 -1.82 -1.51
N LEU A 30 10.54 -2.26 -2.28
CA LEU A 30 10.76 -2.66 -3.66
C LEU A 30 11.00 -1.45 -4.55
N ARG A 31 10.15 -0.43 -4.41
CA ARG A 31 10.28 0.78 -5.19
C ARG A 31 11.70 1.33 -5.14
N LEU A 32 12.17 1.61 -3.93
CA LEU A 32 13.52 2.14 -3.75
C LEU A 32 14.54 1.28 -4.48
N ALA A 33 14.27 -0.02 -4.56
CA ALA A 33 15.17 -0.94 -5.25
C ALA A 33 15.34 -0.56 -6.71
N ALA A 34 14.31 0.04 -7.29
CA ALA A 34 14.35 0.46 -8.69
C ALA A 34 15.40 1.54 -8.90
N TYR A 35 15.43 2.52 -8.01
CA TYR A 35 16.38 3.61 -8.11
C TYR A 35 17.81 3.11 -8.01
N ALA A 36 17.98 1.94 -7.39
CA ALA A 36 19.29 1.34 -7.23
C ALA A 36 19.96 1.11 -8.58
N ALA A 37 19.17 1.16 -9.65
CA ALA A 37 19.68 0.95 -11.00
C ALA A 37 20.32 2.23 -11.54
N ASN A 38 20.12 3.34 -10.83
CA ASN A 38 20.68 4.62 -11.23
C ASN A 38 21.87 5.00 -10.36
N ILE A 39 21.59 5.33 -9.10
CA ILE A 39 22.65 5.72 -8.16
C ILE A 39 22.62 4.84 -6.92
N VAL A 40 21.57 5.00 -6.12
CA VAL A 40 21.43 4.22 -4.90
C VAL A 40 20.06 3.55 -4.83
N ASN A 41 19.91 2.61 -3.90
CA ASN A 41 18.64 1.90 -3.74
C ASN A 41 17.67 2.70 -2.89
N VAL A 42 17.77 4.03 -2.97
CA VAL A 42 16.90 4.91 -2.21
C VAL A 42 15.98 5.71 -3.12
N SER A 43 14.76 5.95 -2.66
CA SER A 43 13.78 6.69 -3.44
C SER A 43 12.61 7.13 -2.57
N LEU A 44 11.69 7.88 -3.17
CA LEU A 44 10.51 8.36 -2.45
C LEU A 44 9.30 8.43 -3.38
N VAL A 45 8.20 8.96 -2.85
CA VAL A 45 6.97 9.09 -3.62
C VAL A 45 6.58 10.54 -3.81
N LYS A 46 7.34 11.44 -3.18
CA LYS A 46 7.08 12.87 -3.28
C LYS A 46 7.20 13.35 -4.72
N PRO A 47 8.33 13.04 -5.35
CA PRO A 47 8.61 13.42 -6.74
C PRO A 47 7.73 12.67 -7.73
N THR A 48 7.01 11.66 -7.24
CA THR A 48 6.15 10.86 -8.08
C THR A 48 4.74 11.46 -8.16
N VAL A 49 4.53 12.53 -7.40
CA VAL A 49 3.23 13.20 -7.40
C VAL A 49 2.82 13.61 -8.80
N TYR A 50 3.80 13.86 -9.66
CA TYR A 50 3.53 14.26 -11.04
C TYR A 50 2.56 13.29 -11.71
N VAL A 51 2.69 12.01 -11.37
CA VAL A 51 1.82 10.98 -11.94
C VAL A 51 0.47 10.96 -11.23
N TYR A 52 0.44 11.44 -10.00
CA TYR A 52 -0.79 11.48 -9.21
C TYR A 52 -1.89 12.19 -9.98
N SER A 53 -1.55 13.30 -10.61
CA SER A 53 -2.52 14.09 -11.38
C SER A 53 -2.77 13.46 -12.74
N ARG A 54 -1.73 12.83 -13.30
CA ARG A 54 -1.83 12.19 -14.60
C ARG A 54 -2.79 11.00 -14.54
N VAL A 55 -2.53 10.07 -13.63
CA VAL A 55 -3.36 8.88 -13.48
C VAL A 55 -4.83 9.26 -13.33
N LYS A 56 -5.09 10.30 -12.55
CA LYS A 56 -6.45 10.77 -12.32
C LYS A 56 -6.97 11.54 -13.53
N ASN A 57 -6.08 12.28 -14.19
CA ASN A 57 -6.45 13.06 -15.36
C ASN A 57 -6.99 12.15 -16.47
N LEU A 58 -6.60 10.89 -16.44
CA LEU A 58 -7.04 9.92 -17.42
C LEU A 58 -8.40 9.33 -17.05
N GLU A 1 -27.30 -17.42 14.76
CA GLU A 1 -26.89 -16.51 13.70
C GLU A 1 -27.93 -16.45 12.59
N THR A 2 -28.35 -17.62 12.11
CA THR A 2 -29.34 -17.70 11.04
C THR A 2 -28.91 -16.88 9.83
N GLY A 3 -27.61 -16.68 9.69
CA GLY A 3 -27.09 -15.92 8.57
C GLY A 3 -26.36 -14.66 9.01
N THR A 4 -25.63 -14.76 10.11
CA THR A 4 -24.89 -13.63 10.64
C THR A 4 -23.43 -13.66 10.20
N LEU A 5 -23.09 -12.83 9.20
CA LEU A 5 -21.73 -12.78 8.68
C LEU A 5 -21.07 -11.45 9.06
N ILE A 6 -21.61 -10.78 10.05
CA ILE A 6 -21.07 -9.50 10.51
C ILE A 6 -19.99 -9.71 11.56
N VAL A 7 -20.16 -10.74 12.38
CA VAL A 7 -19.20 -11.04 13.43
C VAL A 7 -17.87 -11.50 12.85
N ASN A 8 -17.93 -12.13 11.68
CA ASN A 8 -16.73 -12.62 11.01
C ASN A 8 -16.16 -11.56 10.07
N SER A 9 -17.00 -10.61 9.67
CA SER A 9 -16.59 -9.54 8.78
C SER A 9 -15.98 -8.39 9.55
N VAL A 10 -16.65 -7.99 10.64
CA VAL A 10 -16.18 -6.90 11.48
C VAL A 10 -14.94 -7.31 12.28
N LEU A 11 -14.88 -8.59 12.62
CA LEU A 11 -13.75 -9.12 13.39
C LEU A 11 -12.53 -9.33 12.50
N LEU A 12 -12.76 -9.92 11.33
CA LEU A 12 -11.68 -10.18 10.39
C LEU A 12 -11.14 -8.88 9.80
N PHE A 13 -12.05 -7.96 9.47
CA PHE A 13 -11.67 -6.68 8.89
C PHE A 13 -10.70 -5.94 9.82
N LEU A 14 -10.95 -6.05 11.12
CA LEU A 14 -10.10 -5.39 12.12
C LEU A 14 -8.67 -5.92 12.04
N ALA A 15 -8.53 -7.24 11.95
CA ALA A 15 -7.22 -7.86 11.87
C ALA A 15 -6.64 -7.75 10.47
N PHE A 16 -7.50 -7.47 9.49
CA PHE A 16 -7.08 -7.33 8.11
C PHE A 16 -6.50 -5.95 7.85
N VAL A 17 -7.29 -4.92 8.16
CA VAL A 17 -6.87 -3.55 7.96
C VAL A 17 -5.50 -3.30 8.59
N VAL A 18 -5.30 -3.79 9.81
CA VAL A 18 -4.04 -3.63 10.51
C VAL A 18 -2.90 -4.29 9.75
N PHE A 19 -3.17 -5.46 9.18
CA PHE A 19 -2.16 -6.19 8.42
C PHE A 19 -1.72 -5.40 7.20
N LEU A 20 -2.68 -4.76 6.54
CA LEU A 20 -2.39 -3.97 5.35
C LEU A 20 -1.65 -2.68 5.72
N LEU A 21 -2.02 -2.09 6.84
CA LEU A 21 -1.41 -0.86 7.32
C LEU A 21 0.12 -0.95 7.22
N VAL A 22 0.68 -1.99 7.81
CA VAL A 22 2.12 -2.20 7.79
C VAL A 22 2.56 -2.89 6.50
N THR A 23 1.85 -3.94 6.13
CA THR A 23 2.17 -4.69 4.92
C THR A 23 2.36 -3.76 3.72
N LEU A 24 1.67 -2.62 3.76
CA LEU A 24 1.76 -1.64 2.68
C LEU A 24 3.17 -1.05 2.59
N ALA A 25 3.55 -0.29 3.62
CA ALA A 25 4.87 0.32 3.67
C ALA A 25 5.94 -0.63 3.14
N ILE A 26 5.85 -1.90 3.56
CA ILE A 26 6.80 -2.91 3.13
C ILE A 26 7.05 -2.84 1.63
N LEU A 27 5.95 -2.85 0.86
CA LEU A 27 6.05 -2.78 -0.60
C LEU A 27 7.00 -1.67 -1.04
N THR A 28 7.11 -0.63 -0.21
CA THR A 28 7.98 0.50 -0.52
C THR A 28 9.43 0.05 -0.66
N ALA A 29 9.86 -0.82 0.24
CA ALA A 29 11.24 -1.33 0.20
C ALA A 29 11.62 -1.77 -1.20
N LEU A 30 10.64 -2.26 -1.95
CA LEU A 30 10.88 -2.72 -3.32
C LEU A 30 11.11 -1.54 -4.25
N ARG A 31 10.29 -0.51 -4.11
CA ARG A 31 10.41 0.68 -4.95
C ARG A 31 11.84 1.20 -4.94
N LEU A 32 12.36 1.50 -3.75
CA LEU A 32 13.72 2.01 -3.62
C LEU A 32 14.71 1.13 -4.38
N ALA A 33 14.41 -0.17 -4.45
CA ALA A 33 15.27 -1.11 -5.15
C ALA A 33 15.39 -0.75 -6.62
N ALA A 34 14.34 -0.16 -7.18
CA ALA A 34 14.34 0.23 -8.58
C ALA A 34 15.38 1.31 -8.85
N TYR A 35 15.44 2.31 -7.98
CA TYR A 35 16.39 3.40 -8.12
C TYR A 35 17.82 2.89 -8.05
N ALA A 36 18.00 1.73 -7.43
CA ALA A 36 19.32 1.12 -7.29
C ALA A 36 19.96 0.90 -8.65
N ALA A 37 19.14 0.93 -9.70
CA ALA A 37 19.64 0.73 -11.05
C ALA A 37 20.28 2.00 -11.60
N ASN A 38 20.12 3.09 -10.87
CA ASN A 38 20.70 4.38 -11.28
C ASN A 38 21.95 4.70 -10.47
N ILE A 39 21.76 4.95 -9.18
CA ILE A 39 22.88 5.27 -8.30
C ILE A 39 22.97 4.28 -7.15
N VAL A 40 21.98 4.33 -6.25
CA VAL A 40 21.94 3.43 -5.10
C VAL A 40 20.51 3.12 -4.69
N ASN A 41 20.36 2.43 -3.56
CA ASN A 41 19.04 2.08 -3.05
C ASN A 41 18.35 3.28 -2.42
N VAL A 42 18.20 4.35 -3.20
CA VAL A 42 17.56 5.56 -2.72
C VAL A 42 16.48 6.04 -3.69
N SER A 43 15.27 6.22 -3.17
CA SER A 43 14.16 6.68 -3.99
C SER A 43 13.29 7.66 -3.23
N LEU A 44 12.28 8.21 -3.90
CA LEU A 44 11.37 9.17 -3.28
C LEU A 44 9.99 9.12 -3.94
N VAL A 45 9.02 9.76 -3.31
CA VAL A 45 7.65 9.79 -3.83
C VAL A 45 7.23 11.22 -4.16
N LYS A 46 7.88 12.19 -3.54
CA LYS A 46 7.57 13.59 -3.77
C LYS A 46 7.54 13.90 -5.27
N PRO A 47 8.61 13.50 -5.97
CA PRO A 47 8.73 13.72 -7.42
C PRO A 47 7.75 12.87 -8.22
N THR A 48 7.11 11.93 -7.54
CA THR A 48 6.15 11.04 -8.19
C THR A 48 4.73 11.62 -8.14
N VAL A 49 4.61 12.78 -7.49
CA VAL A 49 3.31 13.43 -7.36
C VAL A 49 2.70 13.72 -8.73
N TYR A 50 3.56 14.08 -9.69
CA TYR A 50 3.10 14.38 -11.04
C TYR A 50 2.20 13.28 -11.57
N VAL A 51 2.46 12.05 -11.14
CA VAL A 51 1.67 10.90 -11.56
C VAL A 51 0.30 10.91 -10.92
N TYR A 52 0.24 11.32 -9.67
CA TYR A 52 -1.01 11.37 -8.92
C TYR A 52 -2.10 12.07 -9.74
N SER A 53 -1.75 13.22 -10.30
CA SER A 53 -2.70 13.99 -11.11
C SER A 53 -3.16 13.18 -12.32
N ARG A 54 -2.21 12.67 -13.09
CA ARG A 54 -2.52 11.88 -14.28
C ARG A 54 -3.47 10.74 -13.93
N VAL A 55 -3.15 10.02 -12.86
CA VAL A 55 -3.98 8.90 -12.42
C VAL A 55 -5.43 9.33 -12.26
N LYS A 56 -5.65 10.60 -11.97
CA LYS A 56 -6.99 11.14 -11.79
C LYS A 56 -7.58 11.58 -13.12
N ASN A 57 -6.74 12.17 -13.97
CA ASN A 57 -7.17 12.65 -15.27
C ASN A 57 -7.71 11.50 -16.13
N LEU A 58 -7.27 10.28 -15.81
CA LEU A 58 -7.70 9.10 -16.54
C LEU A 58 -9.21 9.07 -16.67
N GLU A 1 -22.92 -18.43 13.44
CA GLU A 1 -24.25 -17.85 13.60
C GLU A 1 -25.22 -18.42 12.57
N THR A 2 -26.40 -17.82 12.49
CA THR A 2 -27.42 -18.27 11.55
C THR A 2 -27.37 -17.46 10.25
N GLY A 3 -26.16 -17.04 9.88
CA GLY A 3 -26.00 -16.27 8.66
C GLY A 3 -25.41 -14.90 8.92
N THR A 4 -25.05 -14.64 10.17
CA THR A 4 -24.47 -13.36 10.55
C THR A 4 -23.12 -13.15 9.88
N LEU A 5 -23.11 -12.37 8.80
CA LEU A 5 -21.88 -12.08 8.07
C LEU A 5 -21.25 -10.78 8.53
N ILE A 6 -21.87 -10.16 9.53
CA ILE A 6 -21.37 -8.90 10.08
C ILE A 6 -20.38 -9.14 11.21
N VAL A 7 -20.61 -10.21 11.97
CA VAL A 7 -19.74 -10.56 13.08
C VAL A 7 -18.42 -11.15 12.59
N ASN A 8 -18.48 -11.84 11.47
CA ASN A 8 -17.28 -12.46 10.89
C ASN A 8 -16.55 -11.47 9.99
N SER A 9 -17.27 -10.48 9.47
CA SER A 9 -16.69 -9.48 8.60
C SER A 9 -16.08 -8.34 9.41
N VAL A 10 -16.72 -8.00 10.52
CA VAL A 10 -16.24 -6.94 11.40
C VAL A 10 -15.02 -7.37 12.19
N LEU A 11 -14.96 -8.67 12.51
CA LEU A 11 -13.84 -9.22 13.27
C LEU A 11 -12.62 -9.42 12.37
N LEU A 12 -12.84 -10.00 11.20
CA LEU A 12 -11.77 -10.25 10.25
C LEU A 12 -11.21 -8.94 9.70
N PHE A 13 -12.10 -8.05 9.29
CA PHE A 13 -11.70 -6.76 8.74
C PHE A 13 -10.77 -6.02 9.72
N LEU A 14 -11.04 -6.19 11.01
CA LEU A 14 -10.24 -5.54 12.04
C LEU A 14 -8.79 -6.00 11.97
N ALA A 15 -8.60 -7.32 11.91
CA ALA A 15 -7.26 -7.88 11.84
C ALA A 15 -6.68 -7.77 10.43
N PHE A 16 -7.56 -7.54 9.45
CA PHE A 16 -7.15 -7.42 8.06
C PHE A 16 -6.61 -6.02 7.78
N VAL A 17 -7.42 -5.01 8.06
CA VAL A 17 -7.02 -3.62 7.83
C VAL A 17 -5.67 -3.33 8.49
N VAL A 18 -5.51 -3.80 9.72
CA VAL A 18 -4.27 -3.59 10.46
C VAL A 18 -3.08 -4.23 9.74
N PHE A 19 -3.32 -5.41 9.16
CA PHE A 19 -2.28 -6.13 8.44
C PHE A 19 -1.85 -5.36 7.19
N LEU A 20 -2.82 -4.79 6.48
CA LEU A 20 -2.54 -4.04 5.27
C LEU A 20 -1.81 -2.73 5.60
N LEU A 21 -2.13 -2.14 6.74
CA LEU A 21 -1.49 -0.91 7.17
C LEU A 21 0.02 -1.03 7.12
N VAL A 22 0.57 -1.92 7.94
CA VAL A 22 2.01 -2.13 7.98
C VAL A 22 2.51 -2.81 6.71
N THR A 23 1.81 -3.87 6.31
CA THR A 23 2.19 -4.61 5.11
C THR A 23 2.36 -3.67 3.91
N LEU A 24 1.67 -2.54 3.96
CA LEU A 24 1.74 -1.56 2.88
C LEU A 24 3.16 -0.99 2.75
N ALA A 25 3.57 -0.23 3.76
CA ALA A 25 4.90 0.37 3.77
C ALA A 25 5.94 -0.60 3.24
N ILE A 26 5.83 -1.86 3.65
CA ILE A 26 6.77 -2.89 3.22
C ILE A 26 6.99 -2.84 1.72
N LEU A 27 5.89 -2.84 0.96
CA LEU A 27 5.96 -2.78 -0.49
C LEU A 27 6.91 -1.68 -0.96
N THR A 28 7.05 -0.64 -0.13
CA THR A 28 7.93 0.47 -0.45
C THR A 28 9.37 0.01 -0.62
N ALA A 29 9.82 -0.85 0.30
CA ALA A 29 11.17 -1.38 0.25
C ALA A 29 11.55 -1.83 -1.16
N LEU A 30 10.57 -2.34 -1.89
CA LEU A 30 10.78 -2.80 -3.26
C LEU A 30 11.02 -1.63 -4.21
N ARG A 31 10.20 -0.60 -4.07
CA ARG A 31 10.31 0.59 -4.91
C ARG A 31 11.74 1.12 -4.91
N LEU A 32 12.26 1.39 -3.70
CA LEU A 32 13.62 1.91 -3.56
C LEU A 32 14.61 1.05 -4.33
N ALA A 33 14.31 -0.25 -4.43
CA ALA A 33 15.19 -1.17 -5.15
C ALA A 33 15.26 -0.82 -6.63
N ALA A 34 14.19 -0.24 -7.15
CA ALA A 34 14.14 0.15 -8.55
C ALA A 34 15.19 1.22 -8.86
N TYR A 35 15.29 2.21 -7.99
CA TYR A 35 16.24 3.30 -8.17
C TYR A 35 17.68 2.80 -8.03
N ALA A 36 17.82 1.64 -7.39
CA ALA A 36 19.14 1.04 -7.19
C ALA A 36 19.82 0.76 -8.52
N ALA A 37 19.05 0.81 -9.60
CA ALA A 37 19.58 0.55 -10.94
C ALA A 37 20.18 1.83 -11.53
N ASN A 38 19.98 2.95 -10.85
CA ASN A 38 20.50 4.23 -11.32
C ASN A 38 21.77 4.62 -10.56
N ILE A 39 21.61 4.92 -9.28
CA ILE A 39 22.75 5.30 -8.44
C ILE A 39 22.91 4.36 -7.25
N VAL A 40 21.94 4.41 -6.34
CA VAL A 40 21.96 3.56 -5.15
C VAL A 40 20.55 3.15 -4.74
N ASN A 41 20.46 2.36 -3.67
CA ASN A 41 19.18 1.90 -3.17
C ASN A 41 18.44 3.04 -2.47
N VAL A 42 18.13 4.09 -3.21
CA VAL A 42 17.42 5.24 -2.65
C VAL A 42 16.37 5.76 -3.63
N SER A 43 15.18 6.06 -3.11
CA SER A 43 14.09 6.56 -3.94
C SER A 43 13.16 7.44 -3.12
N LEU A 44 12.17 8.03 -3.79
CA LEU A 44 11.21 8.90 -3.13
C LEU A 44 9.87 8.90 -3.88
N VAL A 45 8.87 9.54 -3.28
CA VAL A 45 7.54 9.62 -3.89
C VAL A 45 7.16 11.06 -4.18
N LYS A 46 7.82 12.00 -3.50
CA LYS A 46 7.56 13.42 -3.70
C LYS A 46 7.54 13.77 -5.19
N PRO A 47 8.61 13.38 -5.90
CA PRO A 47 8.74 13.64 -7.34
C PRO A 47 7.75 12.82 -8.17
N THR A 48 7.10 11.86 -7.52
CA THR A 48 6.13 11.00 -8.20
C THR A 48 4.73 11.58 -8.11
N VAL A 49 4.60 12.71 -7.43
CA VAL A 49 3.31 13.37 -7.28
C VAL A 49 2.70 13.71 -8.64
N TYR A 50 3.56 14.11 -9.58
CA TYR A 50 3.10 14.47 -10.91
C TYR A 50 2.20 13.38 -11.50
N VAL A 51 2.47 12.13 -11.11
CA VAL A 51 1.69 10.99 -11.58
C VAL A 51 0.31 10.96 -10.93
N TYR A 52 0.26 11.33 -9.66
CA TYR A 52 -1.00 11.35 -8.92
C TYR A 52 -2.08 12.07 -9.71
N SER A 53 -1.75 13.24 -10.23
CA SER A 53 -2.70 14.03 -11.01
C SER A 53 -3.17 13.26 -12.24
N ARG A 54 -2.21 12.75 -13.01
CA ARG A 54 -2.52 12.00 -14.22
C ARG A 54 -3.46 10.83 -13.91
N VAL A 55 -3.12 10.08 -12.86
CA VAL A 55 -3.93 8.93 -12.46
C VAL A 55 -5.39 9.32 -12.28
N LYS A 56 -5.62 10.59 -11.96
CA LYS A 56 -6.97 11.10 -11.76
C LYS A 56 -7.55 11.64 -13.07
N ASN A 57 -6.71 12.34 -13.83
CA ASN A 57 -7.14 12.92 -15.10
C ASN A 57 -7.64 11.83 -16.04
N LEU A 58 -7.10 10.62 -15.90
CA LEU A 58 -7.49 9.50 -16.75
C LEU A 58 -8.93 9.07 -16.44
N GLU A 1 -27.68 -16.98 15.12
CA GLU A 1 -27.20 -16.20 13.98
C GLU A 1 -28.12 -16.36 12.78
N THR A 2 -28.27 -17.60 12.32
CA THR A 2 -29.12 -17.90 11.18
C THR A 2 -28.61 -17.19 9.92
N GLY A 3 -27.30 -17.00 9.85
CA GLY A 3 -26.72 -16.33 8.70
C GLY A 3 -25.96 -15.07 9.07
N THR A 4 -25.28 -15.11 10.20
CA THR A 4 -24.52 -13.96 10.68
C THR A 4 -23.11 -13.95 10.08
N LEU A 5 -22.89 -13.06 9.11
CA LEU A 5 -21.60 -12.94 8.45
C LEU A 5 -20.94 -11.61 8.79
N ILE A 6 -21.53 -10.88 9.73
CA ILE A 6 -21.00 -9.59 10.13
C ILE A 6 -19.95 -9.75 11.23
N VAL A 7 -20.17 -10.73 12.11
CA VAL A 7 -19.24 -10.99 13.20
C VAL A 7 -17.88 -11.45 12.67
N ASN A 8 -17.90 -12.15 11.53
CA ASN A 8 -16.68 -12.65 10.92
C ASN A 8 -16.08 -11.62 9.98
N SER A 9 -16.91 -10.66 9.54
CA SER A 9 -16.45 -9.61 8.64
C SER A 9 -15.87 -8.45 9.41
N VAL A 10 -16.65 -7.91 10.36
CA VAL A 10 -16.20 -6.79 11.17
C VAL A 10 -15.00 -7.18 12.03
N LEU A 11 -14.95 -8.44 12.43
CA LEU A 11 -13.85 -8.93 13.26
C LEU A 11 -12.58 -9.11 12.43
N LEU A 12 -12.74 -9.62 11.21
CA LEU A 12 -11.62 -9.84 10.32
C LEU A 12 -11.10 -8.52 9.77
N PHE A 13 -12.01 -7.66 9.35
CA PHE A 13 -11.64 -6.35 8.80
C PHE A 13 -10.69 -5.62 9.74
N LEU A 14 -10.93 -5.76 11.04
CA LEU A 14 -10.09 -5.10 12.04
C LEU A 14 -8.66 -5.62 11.98
N ALA A 15 -8.51 -6.94 12.12
CA ALA A 15 -7.19 -7.55 12.07
C ALA A 15 -6.56 -7.41 10.69
N PHE A 16 -7.41 -7.15 9.69
CA PHE A 16 -6.93 -6.98 8.32
C PHE A 16 -6.27 -5.62 8.13
N VAL A 17 -7.01 -4.55 8.41
CA VAL A 17 -6.50 -3.20 8.27
C VAL A 17 -5.12 -3.07 8.92
N VAL A 18 -5.04 -3.42 10.19
CA VAL A 18 -3.78 -3.33 10.92
C VAL A 18 -2.65 -4.02 10.16
N PHE A 19 -2.96 -5.15 9.54
CA PHE A 19 -1.98 -5.89 8.76
C PHE A 19 -1.53 -5.10 7.55
N LEU A 20 -2.49 -4.52 6.84
CA LEU A 20 -2.19 -3.74 5.65
C LEU A 20 -1.43 -2.46 6.01
N LEU A 21 -1.74 -1.91 7.17
CA LEU A 21 -1.09 -0.69 7.64
C LEU A 21 0.43 -0.81 7.56
N VAL A 22 0.96 -1.85 8.21
CA VAL A 22 2.40 -2.09 8.21
C VAL A 22 2.84 -2.79 6.92
N THR A 23 2.11 -3.84 6.55
CA THR A 23 2.43 -4.59 5.34
C THR A 23 2.58 -3.68 4.14
N LEU A 24 1.88 -2.54 4.17
CA LEU A 24 1.94 -1.57 3.09
C LEU A 24 3.35 -1.03 2.92
N ALA A 25 3.80 -0.25 3.89
CA ALA A 25 5.14 0.34 3.85
C ALA A 25 6.16 -0.66 3.29
N ILE A 26 6.05 -1.91 3.73
CA ILE A 26 6.96 -2.96 3.26
C ILE A 26 7.13 -2.91 1.74
N LEU A 27 6.01 -2.90 1.03
CA LEU A 27 6.04 -2.86 -0.43
C LEU A 27 6.98 -1.75 -0.92
N THR A 28 7.13 -0.72 -0.10
CA THR A 28 8.01 0.41 -0.45
C THR A 28 9.44 -0.05 -0.65
N ALA A 29 9.91 -0.93 0.23
CA ALA A 29 11.27 -1.44 0.15
C ALA A 29 11.61 -1.88 -1.27
N LEU A 30 10.59 -2.36 -2.00
CA LEU A 30 10.77 -2.81 -3.37
C LEU A 30 10.96 -1.62 -4.31
N ARG A 31 10.13 -0.61 -4.14
CA ARG A 31 10.19 0.58 -4.98
C ARG A 31 11.61 1.13 -5.02
N LEU A 32 12.14 1.49 -3.86
CA LEU A 32 13.49 2.03 -3.77
C LEU A 32 14.49 1.15 -4.51
N ALA A 33 14.22 -0.15 -4.52
CA ALA A 33 15.08 -1.10 -5.21
C ALA A 33 15.19 -0.77 -6.69
N ALA A 34 14.14 -0.19 -7.24
CA ALA A 34 14.11 0.18 -8.66
C ALA A 34 15.15 1.25 -8.96
N TYR A 35 15.23 2.25 -8.10
CA TYR A 35 16.18 3.35 -8.28
C TYR A 35 17.62 2.83 -8.21
N ALA A 36 17.80 1.67 -7.59
CA ALA A 36 19.12 1.08 -7.46
C ALA A 36 19.74 0.81 -8.83
N ALA A 37 18.91 0.84 -9.87
CA ALA A 37 19.37 0.60 -11.23
C ALA A 37 19.92 1.87 -11.84
N ASN A 38 19.72 3.00 -11.15
CA ASN A 38 20.20 4.29 -11.64
C ASN A 38 21.44 4.73 -10.88
N ILE A 39 21.26 5.07 -9.61
CA ILE A 39 22.36 5.52 -8.76
C ILE A 39 22.48 4.65 -7.52
N VAL A 40 21.49 4.76 -6.63
CA VAL A 40 21.50 3.98 -5.39
C VAL A 40 20.12 3.37 -5.14
N ASN A 41 20.03 2.54 -4.10
CA ASN A 41 18.78 1.89 -3.75
C ASN A 41 17.91 2.81 -2.91
N VAL A 42 17.93 4.10 -3.23
CA VAL A 42 17.14 5.09 -2.52
C VAL A 42 16.11 5.74 -3.43
N SER A 43 14.91 5.99 -2.90
CA SER A 43 13.84 6.61 -3.66
C SER A 43 12.70 7.06 -2.76
N LEU A 44 11.70 7.71 -3.34
CA LEU A 44 10.56 8.19 -2.58
C LEU A 44 9.30 8.22 -3.45
N VAL A 45 8.22 8.75 -2.89
CA VAL A 45 6.95 8.83 -3.61
C VAL A 45 6.49 10.28 -3.72
N LYS A 46 7.19 11.19 -3.03
CA LYS A 46 6.85 12.60 -3.04
C LYS A 46 6.90 13.16 -4.47
N PRO A 47 8.05 12.94 -5.14
CA PRO A 47 8.25 13.41 -6.51
C PRO A 47 7.40 12.66 -7.52
N THR A 48 6.76 11.59 -7.06
CA THR A 48 5.90 10.78 -7.93
C THR A 48 4.47 11.31 -7.93
N VAL A 49 4.23 12.33 -7.14
CA VAL A 49 2.90 12.94 -7.05
C VAL A 49 2.45 13.49 -8.40
N TYR A 50 3.41 13.99 -9.17
CA TYR A 50 3.11 14.55 -10.49
C TYR A 50 2.29 13.58 -11.32
N VAL A 51 2.48 12.28 -11.08
CA VAL A 51 1.75 11.25 -11.80
C VAL A 51 0.36 11.05 -11.22
N TYR A 52 0.24 11.21 -9.91
CA TYR A 52 -1.04 11.04 -9.23
C TYR A 52 -2.14 11.80 -9.96
N SER A 53 -1.79 12.95 -10.53
CA SER A 53 -2.75 13.77 -11.26
C SER A 53 -2.82 13.36 -12.73
N ARG A 54 -1.67 12.98 -13.28
CA ARG A 54 -1.60 12.57 -14.68
C ARG A 54 -2.39 11.29 -14.91
N VAL A 55 -2.57 10.51 -13.85
CA VAL A 55 -3.31 9.25 -13.93
C VAL A 55 -4.77 9.45 -13.56
N LYS A 56 -5.04 10.45 -12.72
CA LYS A 56 -6.39 10.76 -12.29
C LYS A 56 -7.17 11.45 -13.40
N ASN A 57 -6.57 12.46 -14.01
CA ASN A 57 -7.21 13.21 -15.08
C ASN A 57 -7.28 12.36 -16.35
N LEU A 58 -6.44 11.35 -16.43
CA LEU A 58 -6.41 10.46 -17.59
C LEU A 58 -7.81 9.96 -17.93
#